data_3AAZ
#
_entry.id   3AAZ
#
_cell.length_a   106.732
_cell.length_b   106.732
_cell.length_c   90.867
_cell.angle_alpha   90.00
_cell.angle_beta   90.00
_cell.angle_gamma   120.00
#
_symmetry.space_group_name_H-M   'P 31'
#
loop_
_entity.id
_entity.type
_entity.pdbx_description
1 polymer 'Humanized recombinant Fab fragment of a murine; antibody'
2 polymer 'Humanized recombinant Fab fragment of a murine; antibody'
3 water water
#
loop_
_entity_poly.entity_id
_entity_poly.type
_entity_poly.pdbx_seq_one_letter_code
_entity_poly.pdbx_strand_id
1 'polypeptide(L)'
;QVTLKESGPTLVKPTQTLTLTCTFSGFSLRTSRVGVSWIRQPPGKALEWLAHIYWDDDKRYNPSLKSRLTISKDTSKNQV
VLTMTNMDPVDTATYYCARRGFYGRKYEVNHFDYWGQGTTVTVSSASTKGPSVFPLAPSSKSTSGGTAALGCLVKDYFPE
PVTVSWNSGALTSGVHTFPAVLQSSGLYSLSSVVTVPSSSLGTQTYICNVNHKPSNTKVDKKVEPKSCG
;
A,H
2 'polypeptide(L)'
;DIVMTQSPLSLPVTPGEPASISCRSSQSIVHSNGHTYLEWYLQKPGQSPRLLIYQVSTRFSGVPDRFSGSGSGTDFTLKI
SRVEAEDVGVYYCFQASLVPLTFGQGTKLEIKRTVAAPSVFIFPPSDEQLKSGTASVVCLLNNFYPREAKVQWKVDNALQ
SGNSQESVTEQDSKDSTYSLSSTLTLSKADYEKHKVYACEVTHQGLSSPVTKSFNRGECAAADYKDDDD
;
B,L
#
# COMPACT_ATOMS: atom_id res chain seq x y z
N GLN A 1 -36.73 -3.08 -3.57
CA GLN A 1 -35.32 -2.90 -3.99
C GLN A 1 -34.39 -3.91 -3.31
N VAL A 2 -33.41 -4.45 -4.04
CA VAL A 2 -32.39 -5.21 -3.34
C VAL A 2 -31.31 -4.28 -2.85
N THR A 3 -30.74 -4.66 -1.71
CA THR A 3 -29.71 -3.88 -1.06
C THR A 3 -28.76 -4.83 -0.36
N LEU A 4 -27.49 -4.46 -0.33
CA LEU A 4 -26.48 -5.20 0.40
C LEU A 4 -25.79 -4.24 1.34
N LYS A 5 -25.43 -4.70 2.53
CA LYS A 5 -24.76 -3.82 3.53
C LYS A 5 -23.63 -4.56 4.23
N GLU A 6 -22.45 -3.98 4.24
CA GLU A 6 -21.31 -4.64 4.89
C GLU A 6 -21.28 -4.14 6.32
N SER A 7 -20.91 -4.98 7.27
CA SER A 7 -20.55 -4.52 8.61
C SER A 7 -19.46 -5.44 9.15
N GLY A 8 -18.86 -5.06 10.28
CA GLY A 8 -17.80 -5.85 10.91
C GLY A 8 -16.87 -4.91 11.63
N PRO A 9 -15.73 -5.42 12.11
CA PRO A 9 -14.82 -4.44 12.73
C PRO A 9 -14.15 -3.48 11.75
N THR A 10 -13.95 -2.28 12.26
CA THR A 10 -13.36 -1.17 11.58
C THR A 10 -11.82 -1.19 11.91
N LEU A 11 -11.45 -1.88 12.99
CA LEU A 11 -10.04 -1.93 13.41
C LEU A 11 -9.67 -3.35 13.86
N VAL A 12 -8.57 -3.85 13.33
CA VAL A 12 -8.12 -5.20 13.58
C VAL A 12 -6.63 -5.07 13.78
N LYS A 13 -6.14 -5.61 14.89
CA LYS A 13 -4.72 -5.58 15.16
C LYS A 13 -4.01 -6.50 14.18
N PRO A 14 -2.79 -6.15 13.73
CA PRO A 14 -2.02 -6.99 12.80
C PRO A 14 -1.81 -8.38 13.36
N THR A 15 -1.92 -9.39 12.50
CA THR A 15 -1.78 -10.79 12.87
C THR A 15 -3.11 -11.41 13.30
N GLN A 16 -4.09 -10.57 13.61
CA GLN A 16 -5.40 -11.04 14.00
C GLN A 16 -6.34 -11.28 12.84
N THR A 17 -7.57 -11.71 13.17
CA THR A 17 -8.46 -12.24 12.18
C THR A 17 -9.63 -11.28 12.00
N LEU A 18 -9.97 -11.03 10.74
CA LEU A 18 -11.09 -10.18 10.34
C LEU A 18 -12.30 -11.00 9.90
N THR A 19 -13.42 -10.72 10.50
CA THR A 19 -14.70 -11.31 10.10
C THR A 19 -15.61 -10.20 9.58
N LEU A 20 -15.95 -10.20 8.28
CA LEU A 20 -16.86 -9.21 7.72
C LEU A 20 -18.17 -9.87 7.30
N THR A 21 -19.27 -9.13 7.35
CA THR A 21 -20.59 -9.63 7.01
C THR A 21 -21.31 -8.81 5.95
N CYS A 22 -22.07 -9.47 5.09
CA CYS A 22 -22.80 -8.79 4.04
C CYS A 22 -24.23 -9.27 4.23
N THR A 23 -25.09 -8.39 4.69
CA THR A 23 -26.49 -8.70 4.86
C THR A 23 -27.29 -8.25 3.65
N PHE A 24 -28.24 -9.09 3.25
CA PHE A 24 -29.02 -8.84 2.04
C PHE A 24 -30.40 -8.51 2.44
N SER A 25 -31.07 -7.69 1.63
CA SER A 25 -32.48 -7.39 1.79
C SER A 25 -33.12 -7.35 0.42
N GLY A 26 -34.43 -7.58 0.39
CA GLY A 26 -35.19 -7.52 -0.85
C GLY A 26 -35.33 -8.83 -1.58
N PHE A 27 -34.58 -9.83 -1.14
CA PHE A 27 -34.71 -11.19 -1.66
C PHE A 27 -34.10 -12.07 -0.59
N SER A 28 -34.20 -13.38 -0.78
CA SER A 28 -33.73 -14.34 0.19
C SER A 28 -32.69 -15.21 -0.48
N LEU A 29 -31.43 -15.09 -0.01
CA LEU A 29 -30.43 -16.14 -0.20
C LEU A 29 -30.99 -17.25 0.65
N ARG A 30 -30.98 -18.47 0.13
CA ARG A 30 -31.71 -19.56 0.78
C ARG A 30 -32.62 -20.10 -0.27
N THR A 31 -32.92 -19.28 -1.27
CA THR A 31 -33.86 -19.64 -2.32
C THR A 31 -33.39 -19.19 -3.70
N SER A 32 -32.31 -18.43 -3.77
CA SER A 32 -31.89 -17.84 -5.04
C SER A 32 -30.71 -18.57 -5.63
N ARG A 33 -30.54 -18.43 -6.95
CA ARG A 33 -29.32 -18.92 -7.61
C ARG A 33 -28.11 -17.96 -7.65
N VAL A 34 -28.19 -16.78 -7.05
CA VAL A 34 -27.08 -15.79 -7.15
C VAL A 34 -25.74 -16.14 -6.45
N GLY A 35 -24.65 -15.66 -7.05
CA GLY A 35 -23.33 -15.68 -6.45
C GLY A 35 -23.12 -14.43 -5.63
N VAL A 36 -22.15 -14.43 -4.73
CA VAL A 36 -21.79 -13.25 -3.98
C VAL A 36 -20.26 -13.20 -3.87
N SER A 37 -19.64 -12.07 -4.25
CA SER A 37 -18.19 -11.88 -4.10
C SER A 37 -17.81 -10.90 -2.98
N TRP A 38 -16.58 -10.99 -2.51
CA TRP A 38 -15.97 -9.93 -1.73
C TRP A 38 -14.85 -9.28 -2.54
N ILE A 39 -14.83 -7.93 -2.54
CA ILE A 39 -13.85 -7.14 -3.29
C ILE A 39 -13.31 -6.06 -2.34
N ARG A 40 -12.06 -5.70 -2.50
CA ARG A 40 -11.50 -4.65 -1.66
C ARG A 40 -10.74 -3.58 -2.46
N GLN A 41 -10.67 -2.38 -1.89
CA GLN A 41 -9.93 -1.29 -2.49
C GLN A 41 -9.17 -0.59 -1.39
N PRO A 42 -7.83 -0.72 -1.40
CA PRO A 42 -7.07 0.10 -0.43
C PRO A 42 -7.13 1.57 -0.88
N PRO A 43 -6.98 2.54 0.06
CA PRO A 43 -7.19 3.93 -0.37
C PRO A 43 -6.21 4.31 -1.49
N GLY A 44 -6.73 4.97 -2.52
CA GLY A 44 -5.92 5.40 -3.64
C GLY A 44 -5.49 4.30 -4.59
N LYS A 45 -5.96 3.07 -4.36
CA LYS A 45 -5.60 1.90 -5.21
C LYS A 45 -6.75 1.36 -6.02
N ALA A 46 -6.47 0.38 -6.89
CA ALA A 46 -7.49 -0.28 -7.69
C ALA A 46 -8.31 -1.30 -6.90
N LEU A 47 -9.44 -1.74 -7.45
CA LEU A 47 -10.21 -2.81 -6.84
C LEU A 47 -9.44 -4.14 -7.01
N GLU A 48 -9.52 -4.97 -5.98
CA GLU A 48 -9.02 -6.33 -6.02
C GLU A 48 -10.11 -7.33 -5.59
N TRP A 49 -10.39 -8.30 -6.46
CA TRP A 49 -11.33 -9.39 -6.15
C TRP A 49 -10.68 -10.37 -5.18
N LEU A 50 -11.48 -10.84 -4.21
CA LEU A 50 -11.02 -11.61 -3.06
C LEU A 50 -11.50 -13.05 -3.06
N ALA A 51 -12.80 -13.23 -3.31
CA ALA A 51 -13.47 -14.52 -3.10
C ALA A 51 -14.86 -14.47 -3.66
N HIS A 52 -15.40 -15.61 -4.09
CA HIS A 52 -16.79 -15.65 -4.60
C HIS A 52 -17.44 -16.91 -4.10
N ILE A 53 -18.74 -16.86 -3.83
CA ILE A 53 -19.46 -18.03 -3.38
C ILE A 53 -20.69 -18.17 -4.22
N TYR A 54 -20.92 -19.36 -4.76
CA TYR A 54 -22.11 -19.53 -5.61
C TYR A 54 -23.26 -20.05 -4.80
N TRP A 55 -24.42 -20.21 -5.44
CA TRP A 55 -25.61 -20.55 -4.68
C TRP A 55 -25.45 -21.89 -3.96
N ASP A 56 -24.59 -22.74 -4.51
CA ASP A 56 -24.57 -24.15 -4.12
C ASP A 56 -23.49 -24.41 -3.08
N ASP A 57 -22.68 -23.40 -2.85
CA ASP A 57 -21.66 -23.36 -1.80
C ASP A 57 -20.29 -23.76 -2.32
N ASP A 58 -20.22 -23.90 -3.63
CA ASP A 58 -18.93 -23.89 -4.31
C ASP A 58 -18.23 -22.52 -4.06
N LYS A 59 -16.91 -22.47 -4.10
CA LYS A 59 -16.21 -21.23 -3.78
C LYS A 59 -14.93 -21.05 -4.61
N ARG A 60 -14.62 -19.80 -4.95
CA ARG A 60 -13.35 -19.54 -5.60
C ARG A 60 -12.62 -18.46 -4.82
N TYR A 61 -11.32 -18.41 -4.97
CA TYR A 61 -10.53 -17.56 -4.11
C TYR A 61 -9.39 -16.99 -4.93
N ASN A 62 -9.04 -15.74 -4.69
CA ASN A 62 -7.81 -15.17 -5.23
C ASN A 62 -6.60 -15.99 -4.79
N PRO A 63 -5.90 -16.64 -5.75
CA PRO A 63 -4.75 -17.54 -5.50
C PRO A 63 -3.75 -17.01 -4.50
N SER A 64 -3.50 -15.71 -4.52
CA SER A 64 -2.42 -15.18 -3.71
C SER A 64 -2.89 -14.88 -2.27
N LEU A 65 -4.17 -15.11 -1.95
CA LEU A 65 -4.63 -14.89 -0.59
C LEU A 65 -5.45 -16.06 -0.06
N LYS A 66 -5.70 -17.05 -0.93
CA LYS A 66 -6.45 -18.29 -0.64
C LYS A 66 -6.22 -18.87 0.77
N SER A 67 -4.94 -19.04 1.12
CA SER A 67 -4.55 -19.67 2.37
C SER A 67 -5.05 -18.90 3.59
N ARG A 68 -5.35 -17.61 3.42
CA ARG A 68 -5.87 -16.81 4.55
C ARG A 68 -7.35 -16.46 4.44
N LEU A 69 -8.02 -16.88 3.37
CA LEU A 69 -9.45 -16.51 3.21
C LEU A 69 -10.47 -17.61 3.40
N THR A 70 -11.59 -17.27 4.04
CA THR A 70 -12.74 -18.17 4.01
C THR A 70 -14.03 -17.40 3.72
N ILE A 71 -14.76 -17.80 2.71
CA ILE A 71 -16.04 -17.17 2.44
C ILE A 71 -17.12 -18.17 2.83
N SER A 72 -18.17 -17.72 3.50
CA SER A 72 -19.21 -18.68 3.91
C SER A 72 -20.57 -18.05 3.89
N LYS A 73 -21.61 -18.84 4.14
CA LYS A 73 -22.95 -18.33 4.06
C LYS A 73 -23.76 -18.66 5.33
N ASP A 74 -24.68 -17.78 5.70
CA ASP A 74 -25.63 -18.02 6.79
C ASP A 74 -26.99 -17.56 6.28
N THR A 75 -27.74 -18.50 5.74
CA THR A 75 -28.94 -18.18 5.01
C THR A 75 -30.13 -17.89 5.91
N SER A 76 -30.01 -18.19 7.21
CA SER A 76 -31.15 -17.99 8.12
C SER A 76 -31.11 -16.55 8.57
N LYS A 77 -29.94 -15.96 8.44
CA LYS A 77 -29.71 -14.57 8.76
C LYS A 77 -29.47 -13.80 7.46
N ASN A 78 -29.67 -14.49 6.34
CA ASN A 78 -29.50 -13.92 5.02
C ASN A 78 -28.13 -13.24 4.75
N GLN A 79 -27.06 -13.79 5.32
CA GLN A 79 -25.73 -13.18 5.21
C GLN A 79 -24.73 -14.01 4.41
N VAL A 80 -23.59 -13.39 4.09
CA VAL A 80 -22.46 -14.05 3.50
C VAL A 80 -21.27 -13.50 4.30
N VAL A 81 -20.41 -14.36 4.79
CA VAL A 81 -19.37 -13.94 5.71
C VAL A 81 -17.98 -14.09 5.05
N LEU A 82 -17.04 -13.22 5.41
CA LEU A 82 -15.64 -13.35 4.99
C LEU A 82 -14.82 -13.36 6.23
N THR A 83 -13.94 -14.34 6.33
CA THR A 83 -12.98 -14.40 7.41
C THR A 83 -11.61 -14.27 6.76
N MET A 84 -10.77 -13.41 7.32
CA MET A 84 -9.46 -13.18 6.77
C MET A 84 -8.46 -13.19 7.90
N THR A 85 -7.57 -14.19 7.89
CA THR A 85 -6.67 -14.40 9.04
C THR A 85 -5.38 -13.63 8.83
N ASN A 86 -4.64 -13.46 9.92
CA ASN A 86 -3.30 -12.88 9.87
C ASN A 86 -3.38 -11.55 9.13
N MET A 87 -4.24 -10.65 9.62
CA MET A 87 -4.30 -9.32 9.00
C MET A 87 -2.93 -8.58 9.01
N ASP A 88 -2.71 -7.82 7.95
CA ASP A 88 -1.46 -7.15 7.72
C ASP A 88 -1.79 -5.69 7.36
N PRO A 89 -0.92 -4.72 7.74
CA PRO A 89 -1.16 -3.33 7.33
C PRO A 89 -1.51 -3.14 5.83
N VAL A 90 -0.93 -3.95 4.95
CA VAL A 90 -1.25 -3.87 3.55
C VAL A 90 -2.70 -4.27 3.24
N ASP A 91 -3.43 -4.76 4.24
CA ASP A 91 -4.81 -5.18 4.06
C ASP A 91 -5.77 -4.10 4.45
N THR A 92 -5.26 -2.95 4.91
CA THR A 92 -6.13 -1.80 5.20
C THR A 92 -6.89 -1.37 3.92
N ALA A 93 -8.20 -1.36 3.93
CA ALA A 93 -8.92 -1.07 2.71
C ALA A 93 -10.41 -0.88 2.96
N THR A 94 -11.13 -0.46 1.93
CA THR A 94 -12.60 -0.58 1.93
C THR A 94 -12.89 -1.95 1.36
N TYR A 95 -13.76 -2.71 2.04
CA TYR A 95 -14.18 -4.04 1.56
C TYR A 95 -15.66 -3.95 1.13
N TYR A 96 -15.97 -4.42 -0.06
CA TYR A 96 -17.31 -4.42 -0.63
C TYR A 96 -17.79 -5.86 -0.86
N CYS A 97 -19.08 -6.12 -0.68
CA CYS A 97 -19.64 -7.35 -1.21
C CYS A 97 -20.43 -7.00 -2.47
N ALA A 98 -20.41 -7.90 -3.44
CA ALA A 98 -21.15 -7.68 -4.69
C ALA A 98 -21.88 -8.93 -5.08
N ARG A 99 -23.09 -8.76 -5.55
CA ARG A 99 -23.94 -9.86 -5.98
C ARG A 99 -23.78 -10.05 -7.48
N ARG A 100 -23.74 -11.31 -7.92
CA ARG A 100 -23.80 -11.71 -9.30
C ARG A 100 -25.20 -12.29 -9.60
N GLY A 101 -26.05 -11.52 -10.25
CA GLY A 101 -27.46 -11.88 -10.36
C GLY A 101 -27.73 -12.58 -11.66
N PHE A 102 -28.91 -13.22 -11.76
CA PHE A 102 -29.35 -13.93 -12.96
C PHE A 102 -30.60 -13.24 -13.52
N TYR A 103 -30.78 -13.31 -14.82
CA TYR A 103 -31.80 -12.54 -15.50
C TYR A 103 -32.31 -13.38 -16.64
N GLY A 104 -33.64 -13.42 -16.78
CA GLY A 104 -34.26 -14.29 -17.71
C GLY A 104 -34.93 -15.40 -16.93
N ARG A 105 -36.09 -15.85 -17.43
CA ARG A 105 -36.87 -16.93 -16.85
C ARG A 105 -36.03 -18.22 -16.77
N LYS A 106 -35.66 -18.75 -17.93
CA LYS A 106 -34.62 -19.77 -18.03
C LYS A 106 -33.45 -18.88 -17.69
N TYR A 107 -32.34 -19.37 -17.14
CA TYR A 107 -31.40 -18.45 -16.46
C TYR A 107 -30.36 -17.72 -17.36
N GLU A 108 -30.80 -17.21 -18.52
CA GLU A 108 -29.88 -16.80 -19.61
C GLU A 108 -28.74 -15.82 -19.34
N VAL A 109 -28.81 -14.96 -18.31
CA VAL A 109 -27.86 -13.85 -18.15
C VAL A 109 -27.43 -13.62 -16.71
N ASN A 110 -26.12 -13.46 -16.55
CA ASN A 110 -25.60 -13.15 -15.26
C ASN A 110 -24.47 -12.14 -15.36
N HIS A 111 -24.34 -11.38 -14.29
CA HIS A 111 -23.34 -10.33 -14.19
C HIS A 111 -23.54 -9.78 -12.80
N PHE A 112 -22.54 -9.12 -12.28
CA PHE A 112 -22.67 -8.50 -11.00
C PHE A 112 -23.56 -7.28 -11.15
N ASP A 113 -24.42 -7.06 -10.18
CA ASP A 113 -25.32 -5.93 -10.23
C ASP A 113 -25.17 -5.05 -8.99
N TYR A 114 -25.61 -5.51 -7.83
CA TYR A 114 -25.54 -4.66 -6.62
C TYR A 114 -24.25 -4.79 -5.85
N TRP A 115 -23.72 -3.67 -5.37
CA TRP A 115 -22.59 -3.73 -4.48
C TRP A 115 -23.06 -3.08 -3.19
N GLY A 116 -22.42 -3.39 -2.04
CA GLY A 116 -22.74 -2.66 -0.80
C GLY A 116 -22.13 -1.27 -0.83
N GLN A 117 -22.36 -0.48 0.21
CA GLN A 117 -21.75 0.83 0.33
C GLN A 117 -20.24 0.71 0.67
N GLY A 118 -19.83 -0.44 1.17
CA GLY A 118 -18.44 -0.69 1.52
C GLY A 118 -18.28 -0.47 3.00
N THR A 119 -17.21 -1.04 3.58
CA THR A 119 -16.87 -0.84 5.00
C THR A 119 -15.36 -0.65 5.08
N THR A 120 -14.94 0.27 5.94
CA THR A 120 -13.53 0.67 6.02
C THR A 120 -12.88 -0.19 7.06
N VAL A 121 -11.78 -0.82 6.66
CA VAL A 121 -11.04 -1.65 7.59
C VAL A 121 -9.61 -1.16 7.63
N THR A 122 -9.12 -1.04 8.87
CA THR A 122 -7.81 -0.56 9.16
C THR A 122 -7.10 -1.56 10.07
N VAL A 123 -5.85 -1.85 9.71
CA VAL A 123 -5.07 -2.85 10.40
C VAL A 123 -3.99 -2.14 11.14
N SER A 124 -4.08 -2.12 12.46
CA SER A 124 -3.15 -1.28 13.16
C SER A 124 -3.12 -1.64 14.64
N SER A 125 -1.96 -1.41 15.28
CA SER A 125 -1.85 -1.63 16.73
C SER A 125 -2.46 -0.55 17.62
N ALA A 126 -2.80 0.60 17.03
CA ALA A 126 -3.25 1.77 17.79
C ALA A 126 -4.67 1.62 18.30
N SER A 127 -4.96 2.26 19.43
CA SER A 127 -6.26 2.24 19.98
C SER A 127 -7.22 3.19 19.27
N THR A 128 -8.50 2.93 19.47
CA THR A 128 -9.58 3.76 19.06
C THR A 128 -9.69 5.02 19.93
N LYS A 129 -10.06 6.12 19.27
CA LYS A 129 -10.07 7.46 19.84
C LYS A 129 -11.12 8.31 19.13
N GLY A 130 -11.95 8.95 19.95
CA GLY A 130 -12.99 9.85 19.48
C GLY A 130 -12.49 11.19 18.98
N PRO A 131 -13.21 11.80 18.05
CA PRO A 131 -12.77 13.11 17.56
C PRO A 131 -13.10 14.28 18.51
N SER A 132 -12.30 15.33 18.44
CA SER A 132 -12.68 16.66 18.94
C SER A 132 -13.01 17.48 17.70
N VAL A 133 -14.05 18.30 17.84
CA VAL A 133 -14.66 19.05 16.77
C VAL A 133 -14.65 20.53 17.15
N PHE A 134 -14.17 21.36 16.23
CA PHE A 134 -13.94 22.77 16.49
C PHE A 134 -14.52 23.57 15.36
N PRO A 135 -15.07 24.76 15.68
CA PRO A 135 -15.65 25.64 14.67
C PRO A 135 -14.59 26.31 13.80
N LEU A 136 -14.90 26.46 12.52
CA LEU A 136 -14.17 27.31 11.63
C LEU A 136 -15.09 28.50 11.43
N ALA A 137 -14.92 29.51 12.28
CA ALA A 137 -15.86 30.65 12.38
C ALA A 137 -15.73 31.60 11.17
N PRO A 138 -16.90 31.93 10.56
CA PRO A 138 -17.00 32.91 9.48
C PRO A 138 -16.64 34.32 9.96
N SER A 139 -15.90 35.01 9.12
CA SER A 139 -15.50 36.38 9.38
C SER A 139 -15.44 37.08 8.02
N SER A 140 -15.10 38.35 8.02
CA SER A 140 -14.77 39.04 6.78
C SER A 140 -13.59 38.36 6.08
N LYS A 141 -12.70 37.71 6.84
CA LYS A 141 -11.50 37.02 6.29
C LYS A 141 -11.87 35.69 5.60
N SER A 142 -13.09 35.21 5.84
CA SER A 142 -13.57 34.01 5.18
C SER A 142 -14.76 34.37 4.27
N THR A 143 -14.68 35.54 3.61
CA THR A 143 -15.75 35.98 2.69
C THR A 143 -15.17 36.61 1.41
N SER A 144 -15.84 36.43 0.27
CA SER A 144 -15.48 37.17 -0.96
C SER A 144 -16.64 37.32 -1.95
N GLY A 145 -16.88 38.57 -2.36
CA GLY A 145 -17.89 38.89 -3.37
C GLY A 145 -19.22 38.14 -3.20
N GLY A 146 -19.91 38.43 -2.08
CA GLY A 146 -21.22 37.84 -1.80
C GLY A 146 -21.25 36.41 -1.29
N THR A 147 -20.08 35.83 -1.07
CA THR A 147 -19.96 34.42 -0.64
C THR A 147 -19.12 34.29 0.61
N ALA A 148 -19.60 33.51 1.58
CA ALA A 148 -18.92 33.32 2.88
C ALA A 148 -18.64 31.84 3.15
N ALA A 149 -17.48 31.53 3.72
CA ALA A 149 -17.18 30.16 4.13
C ALA A 149 -17.20 30.02 5.66
N LEU A 150 -17.67 28.87 6.12
CA LEU A 150 -17.52 28.44 7.52
C LEU A 150 -17.31 26.92 7.50
N GLY A 151 -17.05 26.31 8.65
CA GLY A 151 -16.71 24.88 8.68
C GLY A 151 -16.56 24.27 10.05
N CYS A 152 -16.25 22.97 10.08
CA CYS A 152 -15.78 22.26 11.29
C CYS A 152 -14.44 21.63 11.05
N LEU A 153 -13.58 21.71 12.06
CA LEU A 153 -12.32 20.99 12.06
C LEU A 153 -12.49 19.81 12.98
N VAL A 154 -12.27 18.62 12.39
CA VAL A 154 -12.56 17.34 13.02
C VAL A 154 -11.24 16.63 13.14
N LYS A 155 -10.85 16.46 14.38
CA LYS A 155 -9.44 16.30 14.70
C LYS A 155 -9.28 15.27 15.80
N ASP A 156 -8.15 14.57 15.73
CA ASP A 156 -7.64 13.73 16.81
C ASP A 156 -8.37 12.43 17.07
N TYR A 157 -8.73 11.77 15.96
CA TYR A 157 -9.51 10.56 15.97
C TYR A 157 -8.83 9.37 15.29
N PHE A 158 -9.24 8.17 15.70
CA PHE A 158 -8.67 6.95 15.13
C PHE A 158 -9.58 5.74 15.32
N PRO A 159 -9.71 4.92 14.29
CA PRO A 159 -9.25 5.13 12.94
C PRO A 159 -10.29 5.88 12.11
N GLU A 160 -10.03 5.93 10.80
CA GLU A 160 -11.02 6.24 9.77
C GLU A 160 -12.22 5.29 9.82
N PRO A 161 -13.42 5.72 9.38
CA PRO A 161 -13.81 7.03 8.90
C PRO A 161 -14.64 7.88 9.89
N VAL A 162 -14.74 9.16 9.56
CA VAL A 162 -15.69 10.05 10.19
C VAL A 162 -16.74 10.43 9.12
N THR A 163 -18.02 10.58 9.47
CA THR A 163 -18.99 11.27 8.60
C THR A 163 -19.53 12.61 9.20
N VAL A 164 -19.65 13.61 8.32
CA VAL A 164 -20.02 14.98 8.67
C VAL A 164 -21.15 15.36 7.72
N SER A 165 -22.34 15.59 8.26
CA SER A 165 -23.38 16.25 7.47
C SER A 165 -23.47 17.72 7.88
N TRP A 166 -24.36 18.45 7.23
CA TRP A 166 -24.59 19.82 7.65
C TRP A 166 -26.05 20.03 7.87
N ASN A 167 -26.30 20.54 9.07
CA ASN A 167 -27.63 20.95 9.55
C ASN A 167 -28.58 19.90 10.08
N SER A 168 -27.99 18.95 10.79
CA SER A 168 -28.71 17.89 11.52
C SER A 168 -29.58 17.10 10.57
N GLY A 169 -29.09 16.93 9.35
CA GLY A 169 -29.94 16.56 8.24
C GLY A 169 -29.43 17.31 7.03
N ALA A 170 -28.54 16.56 6.33
CA ALA A 170 -27.75 17.07 5.22
C ALA A 170 -28.41 18.16 4.31
N LEU A 171 -27.81 19.35 4.33
CA LEU A 171 -28.04 20.35 3.30
C LEU A 171 -26.74 20.63 2.59
N THR A 172 -26.80 21.06 1.34
CA THR A 172 -25.57 21.06 0.56
C THR A 172 -25.14 22.34 -0.21
N SER A 173 -25.50 22.40 -1.51
CA SER A 173 -24.87 23.32 -2.49
C SER A 173 -23.32 23.36 -2.42
N GLY A 174 -22.77 24.05 -1.41
CA GLY A 174 -21.34 24.28 -1.36
C GLY A 174 -20.62 23.56 -0.23
N VAL A 175 -21.00 22.31 0.02
CA VAL A 175 -20.37 21.51 1.08
C VAL A 175 -19.13 20.73 0.62
N HIS A 176 -18.01 20.95 1.29
CA HIS A 176 -16.78 20.24 1.01
C HIS A 176 -16.17 19.60 2.24
N THR A 177 -16.16 18.27 2.24
CA THR A 177 -15.50 17.50 3.26
C THR A 177 -14.20 16.94 2.65
N PHE A 178 -13.10 17.46 3.13
CA PHE A 178 -11.76 17.08 2.68
C PHE A 178 -11.33 15.68 3.17
N PRO A 179 -10.65 14.92 2.28
CA PRO A 179 -10.14 13.64 2.68
C PRO A 179 -9.31 13.86 3.94
N ALA A 180 -9.36 12.91 4.87
CA ALA A 180 -8.61 13.05 6.11
C ALA A 180 -7.11 12.90 5.85
N VAL A 181 -6.30 13.59 6.63
CA VAL A 181 -4.88 13.26 6.69
C VAL A 181 -4.45 12.85 8.09
N LEU A 182 -3.61 11.82 8.07
CA LEU A 182 -3.02 11.25 9.27
C LEU A 182 -1.94 12.21 9.75
N GLN A 183 -2.09 12.70 10.99
CA GLN A 183 -1.10 13.64 11.53
C GLN A 183 0.17 12.97 12.04
N SER A 184 1.15 13.82 12.29
CA SER A 184 2.40 13.56 13.00
C SER A 184 2.16 12.69 14.24
N SER A 185 1.10 12.99 15.00
CA SER A 185 0.73 12.24 16.19
C SER A 185 0.18 10.84 15.88
N GLY A 186 -0.19 10.59 14.64
CA GLY A 186 -0.76 9.33 14.29
C GLY A 186 -2.26 9.32 14.44
N LEU A 187 -2.88 10.49 14.60
CA LEU A 187 -4.33 10.61 14.64
C LEU A 187 -4.89 11.26 13.38
N TYR A 188 -6.14 10.99 12.99
CA TYR A 188 -6.58 11.67 11.78
C TYR A 188 -7.07 13.09 12.07
N SER A 189 -6.98 13.92 11.03
CA SER A 189 -7.61 15.26 11.01
C SER A 189 -8.21 15.58 9.66
N LEU A 190 -9.28 16.37 9.68
CA LEU A 190 -9.90 16.83 8.47
C LEU A 190 -10.75 18.11 8.73
N SER A 191 -11.05 18.85 7.68
CA SER A 191 -12.00 19.93 7.77
C SER A 191 -13.12 19.64 6.84
N SER A 192 -14.33 19.96 7.30
CA SER A 192 -15.52 20.07 6.49
C SER A 192 -16.01 21.53 6.48
N VAL A 193 -16.32 22.00 5.26
CA VAL A 193 -16.51 23.42 4.94
C VAL A 193 -17.84 23.63 4.14
N VAL A 194 -18.53 24.77 4.35
CA VAL A 194 -19.70 25.11 3.50
C VAL A 194 -19.63 26.60 3.12
N THR A 195 -19.89 26.90 1.85
CA THR A 195 -20.00 28.30 1.44
C THR A 195 -21.46 28.68 1.30
N VAL A 196 -21.80 29.86 1.82
CA VAL A 196 -23.19 30.34 1.87
C VAL A 196 -23.25 31.83 1.48
N PRO A 197 -24.48 32.38 1.31
CA PRO A 197 -24.59 33.82 1.21
C PRO A 197 -23.95 34.54 2.39
N SER A 198 -23.21 35.60 2.11
CA SER A 198 -22.51 36.35 3.15
C SER A 198 -23.41 37.39 3.87
N SER A 199 -24.45 37.89 3.21
CA SER A 199 -25.32 38.87 3.84
C SER A 199 -26.53 38.30 4.58
N SER A 200 -26.56 36.98 4.77
CA SER A 200 -27.61 36.31 5.56
C SER A 200 -26.91 35.39 6.57
N LEU A 201 -25.63 35.65 6.76
CA LEU A 201 -24.83 34.81 7.61
C LEU A 201 -25.31 34.83 9.06
N GLY A 202 -25.77 35.97 9.55
CA GLY A 202 -26.27 36.08 10.92
C GLY A 202 -27.75 35.82 11.12
N THR A 203 -28.47 35.54 10.04
CA THR A 203 -29.87 35.10 10.14
C THR A 203 -29.89 33.61 10.47
N GLN A 204 -28.88 32.91 9.96
CA GLN A 204 -28.92 31.46 9.83
C GLN A 204 -28.12 30.75 10.90
N THR A 205 -28.58 29.58 11.31
CA THR A 205 -27.83 28.71 12.21
C THR A 205 -27.09 27.70 11.35
N TYR A 206 -25.85 27.41 11.73
CA TYR A 206 -25.10 26.38 11.07
C TYR A 206 -24.44 25.49 12.15
N ILE A 207 -24.94 24.27 12.26
CA ILE A 207 -24.58 23.34 13.33
C ILE A 207 -24.14 22.00 12.75
N CYS A 208 -22.84 21.72 12.79
CA CYS A 208 -22.27 20.56 12.08
C CYS A 208 -22.31 19.23 12.85
N ASN A 209 -22.79 18.17 12.18
CA ASN A 209 -22.99 16.86 12.81
C ASN A 209 -21.87 15.86 12.50
N VAL A 210 -21.09 15.50 13.51
CA VAL A 210 -20.03 14.54 13.34
C VAL A 210 -20.32 13.22 14.02
N ASN A 211 -20.20 12.14 13.25
CA ASN A 211 -20.38 10.77 13.74
C ASN A 211 -19.08 9.99 13.47
N HIS A 212 -18.56 9.33 14.50
CA HIS A 212 -17.38 8.46 14.40
C HIS A 212 -17.85 7.17 15.05
N LYS A 213 -18.45 6.31 14.23
CA LYS A 213 -18.92 4.97 14.61
C LYS A 213 -17.87 4.13 15.42
N PRO A 214 -16.58 4.09 15.02
CA PRO A 214 -15.65 3.24 15.80
C PRO A 214 -15.61 3.53 17.31
N SER A 215 -15.79 4.79 17.71
CA SER A 215 -15.60 5.21 19.10
C SER A 215 -16.94 5.45 19.80
N ASN A 216 -18.01 5.37 19.00
CA ASN A 216 -19.34 5.68 19.42
C ASN A 216 -19.71 7.14 19.59
N THR A 217 -18.80 8.04 19.26
CA THR A 217 -19.02 9.46 19.50
C THR A 217 -19.92 10.09 18.45
N LYS A 218 -20.90 10.88 18.90
CA LYS A 218 -21.53 11.85 18.01
C LYS A 218 -21.41 13.24 18.60
N VAL A 219 -21.02 14.21 17.76
CA VAL A 219 -20.86 15.61 18.18
C VAL A 219 -21.69 16.52 17.28
N ASP A 220 -22.34 17.49 17.89
CA ASP A 220 -22.95 18.58 17.14
C ASP A 220 -22.27 19.86 17.58
N LYS A 221 -21.69 20.60 16.64
CA LYS A 221 -21.02 21.84 17.00
C LYS A 221 -21.66 23.01 16.30
N LYS A 222 -22.16 23.93 17.12
CA LYS A 222 -22.69 25.23 16.69
C LYS A 222 -21.53 26.10 16.21
N VAL A 223 -21.62 26.54 14.96
CA VAL A 223 -20.54 27.34 14.40
C VAL A 223 -21.02 28.78 14.29
N GLU A 224 -20.52 29.62 15.19
CA GLU A 224 -20.93 31.00 15.21
C GLU A 224 -19.76 31.90 14.84
N PRO A 225 -20.02 32.92 14.01
CA PRO A 225 -19.07 33.99 13.74
C PRO A 225 -18.82 34.82 15.00
N LYS A 226 -17.77 35.64 14.96
CA LYS A 226 -17.54 36.70 15.96
C LYS A 226 -16.67 36.21 17.11
N SER A 227 -16.23 37.16 17.95
CA SER A 227 -15.47 36.93 19.17
C SER A 227 -15.63 38.12 20.13
N CYS A 228 -15.73 39.32 19.56
CA CYS A 228 -15.58 40.60 20.26
C CYS A 228 -16.94 41.22 20.61
N ASP B 1 -1.55 -16.08 -15.68
CA ASP B 1 -2.77 -15.69 -14.88
C ASP B 1 -3.72 -14.94 -15.80
N ILE B 2 -4.24 -13.80 -15.38
CA ILE B 2 -5.07 -12.97 -16.26
C ILE B 2 -5.09 -11.47 -15.94
N VAL B 3 -4.27 -10.75 -16.69
CA VAL B 3 -3.95 -9.36 -16.43
C VAL B 3 -4.82 -8.43 -17.27
N MET B 4 -5.39 -7.41 -16.63
CA MET B 4 -6.19 -6.38 -17.29
C MET B 4 -5.47 -5.01 -17.29
N THR B 5 -5.17 -4.47 -18.48
CA THR B 5 -4.62 -3.11 -18.64
C THR B 5 -5.59 -2.09 -19.24
N GLN B 6 -5.59 -0.87 -18.71
CA GLN B 6 -6.41 0.24 -19.26
C GLN B 6 -5.53 1.36 -19.81
N SER B 7 -6.01 2.06 -20.84
CA SER B 7 -5.28 3.18 -21.46
C SER B 7 -6.16 4.35 -21.92
N PRO B 8 -5.85 5.58 -21.47
CA PRO B 8 -4.77 5.91 -20.58
C PRO B 8 -5.27 5.96 -19.15
N LEU B 9 -4.41 6.33 -18.21
CA LEU B 9 -4.74 6.29 -16.80
C LEU B 9 -5.36 7.57 -16.32
N SER B 10 -5.02 8.64 -17.04
CA SER B 10 -5.55 9.96 -16.81
C SER B 10 -6.10 10.37 -18.16
N LEU B 11 -7.38 10.77 -18.18
CA LEU B 11 -8.00 11.23 -19.40
C LEU B 11 -8.64 12.60 -19.23
N PRO B 12 -7.96 13.68 -19.71
CA PRO B 12 -8.54 15.03 -19.76
C PRO B 12 -9.45 15.21 -20.99
N VAL B 13 -10.68 15.68 -20.80
CA VAL B 13 -11.63 15.86 -21.92
C VAL B 13 -12.51 17.10 -21.81
N THR B 14 -12.62 17.84 -22.92
CA THR B 14 -13.44 19.05 -23.01
C THR B 14 -14.93 18.65 -23.06
N PRO B 15 -15.78 19.24 -22.18
CA PRO B 15 -17.16 18.76 -22.09
C PRO B 15 -17.91 18.91 -23.42
N GLY B 16 -18.61 17.86 -23.84
CA GLY B 16 -19.30 17.85 -25.14
C GLY B 16 -18.53 17.09 -26.20
N GLU B 17 -17.26 16.84 -25.93
CA GLU B 17 -16.35 16.08 -26.80
C GLU B 17 -16.52 14.55 -26.65
N PRO B 18 -16.04 13.77 -27.64
CA PRO B 18 -15.94 12.31 -27.47
C PRO B 18 -14.86 11.91 -26.46
N ALA B 19 -14.99 10.70 -25.90
CA ALA B 19 -13.98 10.08 -25.02
C ALA B 19 -13.89 8.55 -25.21
N SER B 20 -12.72 8.00 -24.94
CA SER B 20 -12.44 6.62 -25.26
C SER B 20 -11.39 5.99 -24.34
N ILE B 21 -11.72 4.81 -23.83
CA ILE B 21 -10.83 4.09 -22.90
C ILE B 21 -10.53 2.71 -23.45
N SER B 22 -9.28 2.28 -23.31
CA SER B 22 -8.94 0.95 -23.74
C SER B 22 -8.83 -0.02 -22.56
N CYS B 23 -9.28 -1.26 -22.79
CA CYS B 23 -9.09 -2.32 -21.82
C CYS B 23 -8.70 -3.63 -22.51
N ARG B 24 -7.41 -3.95 -22.44
CA ARG B 24 -6.85 -5.18 -23.00
C ARG B 24 -6.58 -6.23 -21.91
N SER B 25 -6.89 -7.49 -22.23
CA SER B 25 -6.60 -8.62 -21.38
C SER B 25 -5.48 -9.40 -22.03
N SER B 26 -4.70 -10.11 -21.23
CA SER B 26 -3.46 -10.74 -21.74
C SER B 26 -3.74 -12.10 -22.39
N GLN B 27 -4.97 -12.59 -22.25
CA GLN B 27 -5.44 -13.78 -22.96
C GLN B 27 -6.95 -13.63 -23.10
N SER B 28 -7.55 -14.44 -23.95
CA SER B 28 -8.96 -14.32 -24.20
C SER B 28 -9.77 -14.40 -22.92
N ILE B 29 -10.73 -13.51 -22.75
CA ILE B 29 -11.64 -13.61 -21.61
C ILE B 29 -13.01 -14.16 -22.03
N VAL B 30 -13.05 -14.93 -23.12
CA VAL B 30 -14.26 -15.61 -23.53
C VAL B 30 -14.42 -16.80 -22.61
N HIS B 31 -15.55 -16.86 -21.91
CA HIS B 31 -15.87 -17.99 -21.06
C HIS B 31 -16.13 -19.23 -21.92
N SER B 32 -15.82 -20.40 -21.37
CA SER B 32 -16.11 -21.65 -22.02
C SER B 32 -17.53 -21.70 -22.54
N ASN B 33 -18.51 -21.20 -21.78
CA ASN B 33 -19.91 -21.16 -22.31
C ASN B 33 -20.19 -20.30 -23.55
N GLY B 34 -19.17 -19.59 -24.04
CA GLY B 34 -19.30 -18.76 -25.25
C GLY B 34 -19.43 -17.28 -24.93
N HIS B 35 -19.80 -16.94 -23.71
CA HIS B 35 -20.01 -15.55 -23.38
C HIS B 35 -18.74 -14.89 -22.92
N THR B 36 -18.65 -13.58 -23.17
CA THR B 36 -17.52 -12.79 -22.71
C THR B 36 -18.00 -11.90 -21.58
N TYR B 37 -17.49 -12.13 -20.36
CA TYR B 37 -17.99 -11.44 -19.15
C TYR B 37 -17.14 -10.23 -18.86
N LEU B 38 -17.31 -9.20 -19.73
CA LEU B 38 -16.59 -7.94 -19.56
C LEU B 38 -17.53 -6.87 -19.06
N GLU B 39 -17.24 -6.35 -17.87
CA GLU B 39 -18.00 -5.28 -17.19
C GLU B 39 -17.17 -3.98 -17.06
N TRP B 40 -17.85 -2.82 -17.11
CA TRP B 40 -17.23 -1.49 -16.93
C TRP B 40 -17.94 -0.77 -15.80
N TYR B 41 -17.14 -0.15 -14.95
CA TYR B 41 -17.69 0.59 -13.82
C TYR B 41 -17.24 2.04 -13.81
N LEU B 42 -18.03 2.85 -13.13
CA LEU B 42 -17.65 4.21 -12.83
C LEU B 42 -17.66 4.36 -11.33
N GLN B 43 -16.51 4.78 -10.81
CA GLN B 43 -16.42 4.99 -9.41
C GLN B 43 -16.25 6.46 -9.14
N LYS B 44 -17.23 6.98 -8.41
CA LYS B 44 -17.13 8.29 -7.81
C LYS B 44 -16.41 8.17 -6.49
N PRO B 45 -15.43 9.07 -6.26
CA PRO B 45 -14.70 9.39 -5.03
C PRO B 45 -15.40 9.00 -3.70
N GLY B 46 -14.72 8.14 -2.93
CA GLY B 46 -15.18 7.67 -1.60
C GLY B 46 -16.50 6.90 -1.62
N GLN B 47 -16.81 6.31 -2.78
CA GLN B 47 -18.15 5.78 -3.04
C GLN B 47 -18.10 4.47 -3.83
N SER B 48 -19.20 3.74 -3.77
CA SER B 48 -19.26 2.42 -4.34
C SER B 48 -19.32 2.44 -5.88
N PRO B 49 -18.56 1.56 -6.54
CA PRO B 49 -18.49 1.69 -8.00
C PRO B 49 -19.80 1.26 -8.64
N ARG B 50 -20.22 1.90 -9.73
CA ARG B 50 -21.55 1.64 -10.27
C ARG B 50 -21.42 1.11 -11.69
N LEU B 51 -22.12 0.01 -11.97
CA LEU B 51 -22.02 -0.68 -13.25
C LEU B 51 -22.60 0.13 -14.44
N LEU B 52 -21.82 0.26 -15.49
CA LEU B 52 -22.24 0.94 -16.69
C LEU B 52 -22.63 -0.02 -17.79
N ILE B 53 -21.71 -0.93 -18.10
CA ILE B 53 -21.81 -1.87 -19.21
C ILE B 53 -21.46 -3.27 -18.70
N TYR B 54 -22.17 -4.28 -19.20
CA TYR B 54 -21.77 -5.66 -18.94
C TYR B 54 -21.84 -6.44 -20.27
N GLN B 55 -21.28 -7.65 -20.29
CA GLN B 55 -21.19 -8.47 -21.51
C GLN B 55 -20.59 -7.69 -22.70
N VAL B 56 -19.53 -6.95 -22.41
CA VAL B 56 -18.83 -6.21 -23.45
C VAL B 56 -19.62 -4.96 -23.88
N SER B 57 -20.87 -5.13 -24.26
CA SER B 57 -21.54 -4.04 -24.94
C SER B 57 -22.96 -3.73 -24.47
N THR B 58 -23.41 -4.37 -23.39
CA THR B 58 -24.80 -4.10 -22.94
C THR B 58 -24.84 -3.06 -21.82
N ARG B 59 -25.59 -2.00 -22.06
CA ARG B 59 -25.71 -0.92 -21.12
C ARG B 59 -26.65 -1.33 -20.00
N PHE B 60 -26.18 -1.29 -18.75
CA PHE B 60 -27.04 -1.59 -17.59
C PHE B 60 -28.13 -0.52 -17.50
N SER B 61 -29.29 -0.88 -16.96
CA SER B 61 -30.42 0.06 -16.82
C SER B 61 -30.09 1.30 -15.98
N GLY B 62 -30.67 2.42 -16.40
CA GLY B 62 -30.41 3.74 -15.79
C GLY B 62 -29.17 4.46 -16.33
N VAL B 63 -28.40 3.75 -17.16
CA VAL B 63 -27.17 4.29 -17.73
C VAL B 63 -27.50 5.00 -19.04
N PRO B 64 -27.04 6.25 -19.17
CA PRO B 64 -27.37 7.12 -20.30
C PRO B 64 -26.81 6.60 -21.62
N ASP B 65 -27.54 6.85 -22.71
CA ASP B 65 -27.16 6.48 -24.09
C ASP B 65 -25.74 6.78 -24.50
N ARG B 66 -25.15 7.83 -23.94
CA ARG B 66 -23.83 8.26 -24.40
C ARG B 66 -22.72 7.23 -24.12
N PHE B 67 -23.00 6.25 -23.25
CA PHE B 67 -22.05 5.19 -22.90
C PHE B 67 -22.26 3.94 -23.74
N SER B 68 -21.17 3.39 -24.29
CA SER B 68 -21.26 2.17 -25.09
C SER B 68 -19.95 1.41 -25.06
N GLY B 69 -20.04 0.09 -25.11
CA GLY B 69 -18.84 -0.74 -25.13
C GLY B 69 -18.67 -1.55 -26.40
N SER B 70 -17.43 -1.91 -26.69
CA SER B 70 -17.13 -2.77 -27.86
C SER B 70 -15.81 -3.54 -27.73
N GLY B 71 -15.52 -4.30 -28.78
CA GLY B 71 -14.39 -5.21 -28.83
C GLY B 71 -14.81 -6.64 -28.59
N SER B 72 -13.82 -7.49 -28.41
CA SER B 72 -14.02 -8.91 -28.21
C SER B 72 -12.64 -9.54 -28.06
N GLY B 73 -12.61 -10.74 -27.49
CA GLY B 73 -11.38 -11.51 -27.45
C GLY B 73 -10.47 -10.97 -26.37
N THR B 74 -9.51 -10.13 -26.77
CA THR B 74 -8.59 -9.47 -25.84
C THR B 74 -8.76 -7.94 -25.83
N ASP B 75 -9.44 -7.40 -26.85
CA ASP B 75 -9.56 -5.95 -27.04
C ASP B 75 -10.87 -5.29 -26.68
N PHE B 76 -10.84 -4.34 -25.76
CA PHE B 76 -12.08 -3.72 -25.35
C PHE B 76 -12.05 -2.19 -25.29
N THR B 77 -13.22 -1.59 -25.49
CA THR B 77 -13.33 -0.14 -25.55
C THR B 77 -14.59 0.37 -24.91
N LEU B 78 -14.42 1.29 -23.99
CA LEU B 78 -15.54 2.04 -23.51
C LEU B 78 -15.56 3.34 -24.28
N LYS B 79 -16.69 3.66 -24.90
CA LYS B 79 -16.85 4.94 -25.59
C LYS B 79 -17.95 5.79 -24.96
N ILE B 80 -17.60 7.03 -24.62
CA ILE B 80 -18.57 8.08 -24.29
C ILE B 80 -18.59 9.03 -25.47
N SER B 81 -19.75 9.22 -26.10
CA SER B 81 -19.79 10.06 -27.33
C SER B 81 -19.83 11.58 -27.09
N ARG B 82 -20.38 11.99 -25.94
CA ARG B 82 -20.59 13.39 -25.59
C ARG B 82 -20.35 13.62 -24.10
N VAL B 83 -19.08 13.76 -23.70
CA VAL B 83 -18.72 13.84 -22.27
C VAL B 83 -19.44 14.93 -21.48
N GLU B 84 -20.11 14.56 -20.40
CA GLU B 84 -20.70 15.52 -19.46
C GLU B 84 -19.87 15.69 -18.21
N ALA B 85 -20.22 16.75 -17.47
CA ALA B 85 -19.71 17.03 -16.14
C ALA B 85 -19.92 15.86 -15.19
N GLU B 86 -21.10 15.22 -15.24
CA GLU B 86 -21.44 14.08 -14.36
C GLU B 86 -20.60 12.79 -14.54
N ASP B 87 -19.84 12.69 -15.63
CA ASP B 87 -19.07 11.50 -15.97
C ASP B 87 -17.68 11.45 -15.33
N VAL B 88 -17.32 12.48 -14.58
CA VAL B 88 -16.00 12.46 -13.96
C VAL B 88 -15.92 11.35 -12.92
N GLY B 89 -14.73 10.81 -12.74
CA GLY B 89 -14.52 9.74 -11.77
C GLY B 89 -13.51 8.75 -12.31
N VAL B 90 -13.49 7.55 -11.76
CA VAL B 90 -12.53 6.55 -12.19
C VAL B 90 -13.28 5.39 -12.77
N TYR B 91 -12.83 4.99 -13.96
CA TYR B 91 -13.50 3.96 -14.75
C TYR B 91 -12.68 2.71 -14.60
N TYR B 92 -13.37 1.58 -14.46
CA TYR B 92 -12.69 0.27 -14.39
C TYR B 92 -13.33 -0.75 -15.27
N CYS B 93 -12.49 -1.54 -15.95
CA CYS B 93 -13.00 -2.71 -16.66
C CYS B 93 -12.71 -3.90 -15.77
N PHE B 94 -13.54 -4.93 -15.90
CA PHE B 94 -13.57 -6.04 -14.95
C PHE B 94 -13.93 -7.28 -15.71
N GLN B 95 -12.96 -8.18 -15.85
CA GLN B 95 -13.26 -9.49 -16.42
C GLN B 95 -13.79 -10.41 -15.33
N ALA B 96 -14.92 -11.04 -15.63
CA ALA B 96 -15.57 -11.92 -14.66
C ALA B 96 -15.88 -13.29 -15.29
N SER B 97 -15.09 -13.63 -16.31
CA SER B 97 -15.00 -14.97 -16.90
C SER B 97 -14.02 -15.96 -16.24
N LEU B 98 -12.85 -15.47 -15.76
CA LEU B 98 -11.77 -16.34 -15.29
C LEU B 98 -11.30 -16.09 -13.85
N VAL B 99 -10.98 -17.16 -13.15
CA VAL B 99 -10.50 -17.05 -11.78
C VAL B 99 -8.99 -16.85 -11.86
N PRO B 100 -8.44 -15.90 -11.09
CA PRO B 100 -9.12 -14.86 -10.28
C PRO B 100 -9.82 -13.80 -11.13
N LEU B 101 -11.01 -13.35 -10.73
CA LEU B 101 -11.67 -12.28 -11.49
C LEU B 101 -10.81 -11.02 -11.28
N THR B 102 -10.59 -10.25 -12.36
CA THR B 102 -9.62 -9.14 -12.30
C THR B 102 -10.16 -7.84 -12.87
N PHE B 103 -9.70 -6.75 -12.26
CA PHE B 103 -10.09 -5.40 -12.63
C PHE B 103 -8.89 -4.74 -13.28
N GLY B 104 -9.12 -3.81 -14.20
CA GLY B 104 -8.00 -3.00 -14.73
C GLY B 104 -7.55 -1.98 -13.69
N GLN B 105 -6.52 -1.21 -14.00
CA GLN B 105 -5.93 -0.42 -12.94
C GLN B 105 -6.75 0.87 -12.67
N GLY B 106 -7.70 1.17 -13.55
CA GLY B 106 -8.54 2.37 -13.45
C GLY B 106 -8.05 3.60 -14.20
N THR B 107 -9.01 4.30 -14.81
CA THR B 107 -8.73 5.47 -15.65
C THR B 107 -9.48 6.66 -15.05
N LYS B 108 -8.76 7.69 -14.62
CA LYS B 108 -9.42 8.88 -14.10
C LYS B 108 -9.75 9.83 -15.26
N LEU B 109 -11.03 10.04 -15.48
CA LEU B 109 -11.51 11.02 -16.42
C LEU B 109 -11.50 12.39 -15.72
N GLU B 110 -11.01 13.43 -16.40
CA GLU B 110 -11.06 14.82 -15.92
C GLU B 110 -11.75 15.73 -16.94
N ILE B 111 -12.62 16.59 -16.44
CA ILE B 111 -13.24 17.58 -17.29
C ILE B 111 -12.26 18.72 -17.57
N LYS B 112 -11.91 18.91 -18.85
CA LYS B 112 -11.02 20.01 -19.27
C LYS B 112 -11.63 21.41 -19.12
N ARG B 113 -12.97 21.49 -19.06
CA ARG B 113 -13.67 22.67 -18.55
C ARG B 113 -13.21 24.07 -19.09
N THR B 114 -12.76 24.92 -18.16
CA THR B 114 -12.49 26.34 -18.40
C THR B 114 -11.98 26.97 -17.10
N VAL B 115 -11.10 27.96 -17.21
CA VAL B 115 -10.34 28.43 -16.05
C VAL B 115 -11.23 29.17 -15.03
N ALA B 116 -10.92 28.99 -13.74
CA ALA B 116 -11.63 29.69 -12.68
C ALA B 116 -10.69 29.89 -11.51
N ALA B 117 -10.64 31.12 -11.03
CA ALA B 117 -9.79 31.46 -9.90
C ALA B 117 -10.34 30.88 -8.60
N PRO B 118 -9.44 30.49 -7.70
CA PRO B 118 -9.95 30.09 -6.39
C PRO B 118 -10.46 31.30 -5.63
N SER B 119 -11.58 31.18 -4.91
CA SER B 119 -11.84 32.08 -3.78
C SER B 119 -10.94 31.68 -2.60
N VAL B 120 -10.30 32.66 -1.95
CA VAL B 120 -9.42 32.38 -0.81
C VAL B 120 -10.00 32.81 0.54
N PHE B 121 -10.06 31.88 1.49
CA PHE B 121 -10.63 32.16 2.78
C PHE B 121 -9.59 31.74 3.80
N ILE B 122 -9.61 32.35 5.00
CA ILE B 122 -8.70 31.92 6.08
C ILE B 122 -9.46 31.87 7.44
N PHE B 123 -9.04 30.97 8.34
CA PHE B 123 -9.68 30.75 9.59
C PHE B 123 -8.65 30.63 10.68
N PRO B 124 -8.72 31.50 11.69
CA PRO B 124 -7.83 31.43 12.84
C PRO B 124 -8.15 30.19 13.69
N PRO B 125 -7.26 29.79 14.62
CA PRO B 125 -7.73 28.73 15.51
C PRO B 125 -8.92 29.22 16.33
N SER B 126 -9.84 28.32 16.68
CA SER B 126 -10.86 28.60 17.70
C SER B 126 -10.25 28.62 19.09
N ASP B 127 -10.88 29.33 20.02
CA ASP B 127 -10.45 29.34 21.43
C ASP B 127 -10.48 27.92 22.04
N GLU B 128 -11.56 27.19 21.74
CA GLU B 128 -11.71 25.76 22.07
C GLU B 128 -10.43 24.92 21.83
N GLN B 129 -9.87 24.98 20.62
CA GLN B 129 -8.65 24.26 20.29
C GLN B 129 -7.41 24.82 20.98
N LEU B 130 -7.31 26.14 20.99
CA LEU B 130 -6.23 26.79 21.71
C LEU B 130 -6.21 26.22 23.15
N LYS B 131 -7.38 26.18 23.80
CA LYS B 131 -7.57 25.47 25.09
C LYS B 131 -6.79 24.16 25.24
N SER B 132 -6.91 23.27 24.25
CA SER B 132 -6.26 21.96 24.34
C SER B 132 -4.74 21.95 24.05
N GLY B 133 -4.18 23.12 23.70
CA GLY B 133 -2.73 23.25 23.49
C GLY B 133 -2.23 23.14 22.05
N THR B 134 -3.15 22.99 21.09
CA THR B 134 -2.75 23.06 19.68
C THR B 134 -3.41 24.21 18.91
N ALA B 135 -2.70 24.71 17.90
CA ALA B 135 -3.28 25.67 16.99
C ALA B 135 -3.30 25.17 15.58
N SER B 136 -4.47 25.24 14.98
CA SER B 136 -4.61 24.95 13.57
C SER B 136 -5.19 26.13 12.85
N VAL B 137 -4.45 26.60 11.84
CA VAL B 137 -4.90 27.70 10.97
C VAL B 137 -5.27 27.12 9.62
N VAL B 138 -6.50 27.33 9.18
CA VAL B 138 -6.90 26.76 7.90
C VAL B 138 -7.05 27.83 6.85
N CYS B 139 -6.42 27.60 5.71
CA CYS B 139 -6.65 28.41 4.54
C CYS B 139 -7.45 27.59 3.54
N LEU B 140 -8.31 28.24 2.77
CA LEU B 140 -9.27 27.53 1.91
C LEU B 140 -9.30 28.10 0.50
N LEU B 141 -9.03 27.25 -0.47
CA LEU B 141 -9.09 27.64 -1.88
C LEU B 141 -10.30 26.94 -2.41
N ASN B 142 -11.35 27.70 -2.68
CA ASN B 142 -12.58 27.10 -3.07
C ASN B 142 -12.83 27.24 -4.56
N ASN B 143 -13.50 26.23 -5.11
CA ASN B 143 -14.01 26.22 -6.47
C ASN B 143 -13.09 26.73 -7.57
N PHE B 144 -11.95 26.08 -7.73
CA PHE B 144 -11.03 26.47 -8.79
C PHE B 144 -10.82 25.37 -9.81
N TYR B 145 -10.26 25.79 -10.94
CA TYR B 145 -9.81 24.89 -11.99
C TYR B 145 -8.79 25.71 -12.77
N PRO B 146 -7.64 25.09 -13.14
CA PRO B 146 -7.30 23.68 -12.90
C PRO B 146 -6.67 23.43 -11.54
N ARG B 147 -6.26 22.17 -11.36
CA ARG B 147 -5.85 21.62 -10.09
C ARG B 147 -4.62 22.34 -9.52
N GLU B 148 -3.64 22.60 -10.37
CA GLU B 148 -2.35 23.06 -9.92
C GLU B 148 -2.53 24.37 -9.17
N ALA B 149 -1.96 24.42 -7.96
CA ALA B 149 -2.02 25.61 -7.15
C ALA B 149 -0.84 25.64 -6.18
N LYS B 150 -0.39 26.85 -5.86
CA LYS B 150 0.68 27.04 -4.90
C LYS B 150 0.12 27.88 -3.76
N VAL B 151 0.09 27.28 -2.57
CA VAL B 151 -0.34 27.94 -1.36
C VAL B 151 0.83 28.06 -0.40
N GLN B 152 1.24 29.27 -0.08
CA GLN B 152 2.37 29.49 0.84
C GLN B 152 1.94 30.18 2.15
N TRP B 153 2.56 29.81 3.26
CA TRP B 153 2.18 30.40 4.55
C TRP B 153 3.28 31.34 5.00
N LYS B 154 2.86 32.48 5.56
CA LYS B 154 3.79 33.44 6.16
C LYS B 154 3.33 33.88 7.55
N VAL B 155 4.20 33.69 8.52
CA VAL B 155 3.92 34.07 9.89
C VAL B 155 4.88 35.20 10.20
N ASP B 156 4.33 36.36 10.55
CA ASP B 156 5.11 37.60 10.69
C ASP B 156 6.12 37.71 9.54
N ASN B 157 5.61 37.52 8.31
CA ASN B 157 6.38 37.70 7.07
C ASN B 157 7.53 36.74 6.77
N ALA B 158 7.62 35.65 7.54
CA ALA B 158 8.59 34.58 7.28
C ALA B 158 7.90 33.39 6.61
N LEU B 159 8.53 32.82 5.60
CA LEU B 159 7.96 31.72 4.84
C LEU B 159 8.12 30.41 5.61
N GLN B 160 7.03 29.67 5.76
CA GLN B 160 7.00 28.41 6.49
C GLN B 160 7.30 27.24 5.55
N SER B 161 7.94 26.20 6.10
CA SER B 161 8.09 24.91 5.43
C SER B 161 7.88 23.82 6.47
N GLY B 162 7.34 22.68 6.07
CA GLY B 162 7.38 21.52 6.94
C GLY B 162 6.35 21.50 8.06
N ASN B 163 5.49 22.52 8.13
CA ASN B 163 4.45 22.54 9.16
C ASN B 163 3.07 22.80 8.60
N SER B 164 2.92 22.61 7.30
CA SER B 164 1.60 22.70 6.67
C SER B 164 1.35 21.46 5.84
N GLN B 165 0.08 21.26 5.48
CA GLN B 165 -0.36 20.09 4.79
C GLN B 165 -1.65 20.38 3.98
N GLU B 166 -1.69 19.89 2.75
CA GLU B 166 -2.88 20.15 1.91
C GLU B 166 -3.81 18.95 1.77
N SER B 167 -5.08 19.23 1.52
CA SER B 167 -6.03 18.22 1.18
C SER B 167 -6.91 18.73 0.04
N VAL B 168 -7.09 17.91 -0.99
CA VAL B 168 -7.87 18.30 -2.14
C VAL B 168 -9.10 17.42 -2.32
N THR B 169 -10.25 18.01 -2.62
CA THR B 169 -11.41 17.23 -3.04
C THR B 169 -11.22 16.73 -4.49
N GLU B 170 -12.16 15.91 -4.95
CA GLU B 170 -12.19 15.51 -6.36
C GLU B 170 -13.01 16.51 -7.16
N GLN B 171 -12.81 16.51 -8.49
CA GLN B 171 -13.56 17.39 -9.38
C GLN B 171 -15.06 17.32 -9.07
N ASP B 172 -15.68 18.48 -8.80
CA ASP B 172 -17.12 18.50 -8.56
C ASP B 172 -17.85 17.93 -9.77
N SER B 173 -18.78 17.03 -9.51
CA SER B 173 -19.45 16.38 -10.60
C SER B 173 -20.48 17.29 -11.32
N LYS B 174 -20.76 18.47 -10.76
CA LYS B 174 -21.72 19.46 -11.36
C LYS B 174 -21.06 20.70 -11.98
N ASP B 175 -20.01 21.20 -11.33
CA ASP B 175 -19.31 22.41 -11.82
C ASP B 175 -17.87 22.20 -12.32
N SER B 176 -17.34 21.00 -12.10
CA SER B 176 -16.00 20.60 -12.57
C SER B 176 -14.83 21.27 -11.87
N THR B 177 -15.07 21.87 -10.71
CA THR B 177 -14.01 22.57 -9.97
C THR B 177 -13.35 21.70 -8.89
N TYR B 178 -12.28 22.20 -8.27
CA TYR B 178 -11.72 21.56 -7.06
C TYR B 178 -11.93 22.47 -5.85
N SER B 179 -11.53 22.01 -4.67
CA SER B 179 -11.35 22.89 -3.52
C SER B 179 -10.26 22.26 -2.69
N LEU B 180 -9.45 23.08 -2.06
CA LEU B 180 -8.25 22.59 -1.40
C LEU B 180 -8.15 23.28 -0.06
N SER B 181 -7.79 22.52 0.97
CA SER B 181 -7.48 23.13 2.27
C SER B 181 -5.99 23.06 2.49
N SER B 182 -5.43 24.10 3.11
CA SER B 182 -4.03 24.05 3.59
C SER B 182 -4.06 24.35 5.07
N THR B 183 -3.50 23.47 5.87
CA THR B 183 -3.65 23.66 7.29
C THR B 183 -2.28 23.88 7.93
N LEU B 184 -2.18 24.95 8.71
CA LEU B 184 -0.98 25.27 9.44
C LEU B 184 -1.09 24.75 10.85
N THR B 185 -0.02 24.08 11.23
CA THR B 185 0.00 23.16 12.31
C THR B 185 1.06 23.68 13.26
N LEU B 186 0.64 24.08 14.45
CA LEU B 186 1.56 24.62 15.44
C LEU B 186 1.08 24.31 16.83
N SER B 187 2.03 24.35 17.77
CA SER B 187 1.74 24.33 19.19
C SER B 187 1.13 25.67 19.58
N LYS B 188 0.35 25.67 20.66
CA LYS B 188 -0.26 26.88 21.18
C LYS B 188 0.80 27.93 21.49
N ALA B 189 1.90 27.48 22.09
CA ALA B 189 3.02 28.35 22.45
C ALA B 189 3.66 29.02 21.24
N ASP B 190 3.88 28.24 20.17
CA ASP B 190 4.50 28.77 18.95
C ASP B 190 3.53 29.71 18.29
N TYR B 191 2.24 29.38 18.35
CA TYR B 191 1.21 30.25 17.81
C TYR B 191 1.15 31.59 18.53
N GLU B 192 1.44 31.57 19.81
CA GLU B 192 1.38 32.81 20.56
C GLU B 192 2.65 33.68 20.49
N LYS B 193 3.69 33.21 19.80
CA LYS B 193 4.92 33.99 19.63
C LYS B 193 4.78 34.95 18.45
N HIS B 194 3.64 34.90 17.76
CA HIS B 194 3.54 35.56 16.48
C HIS B 194 2.22 36.29 16.26
N LYS B 195 2.22 37.29 15.40
CA LYS B 195 1.01 38.09 15.21
C LYS B 195 0.29 37.86 13.87
N VAL B 196 1.03 37.95 12.78
CA VAL B 196 0.42 37.95 11.46
C VAL B 196 0.52 36.59 10.80
N TYR B 197 -0.64 36.01 10.56
CA TYR B 197 -0.75 34.73 9.91
C TYR B 197 -1.35 34.98 8.56
N ALA B 198 -0.63 34.54 7.53
CA ALA B 198 -0.93 34.86 6.15
C ALA B 198 -0.82 33.64 5.21
N CYS B 199 -1.86 33.49 4.41
CA CYS B 199 -1.97 32.44 3.44
C CYS B 199 -1.86 33.10 2.06
N GLU B 200 -0.89 32.67 1.24
CA GLU B 200 -0.64 33.27 -0.07
C GLU B 200 -0.85 32.33 -1.25
N VAL B 201 -1.89 32.60 -2.03
CA VAL B 201 -2.35 31.72 -3.11
C VAL B 201 -1.90 32.21 -4.50
N THR B 202 -1.12 31.39 -5.20
CA THR B 202 -0.89 31.65 -6.61
C THR B 202 -1.60 30.59 -7.48
N HIS B 203 -2.14 31.05 -8.61
CA HIS B 203 -2.95 30.22 -9.50
C HIS B 203 -3.10 30.90 -10.87
N GLN B 204 -2.84 30.13 -11.93
CA GLN B 204 -2.88 30.62 -13.31
C GLN B 204 -4.17 31.38 -13.71
N GLY B 205 -5.19 31.34 -12.84
CA GLY B 205 -6.40 32.17 -12.94
C GLY B 205 -6.36 33.56 -12.27
N LEU B 206 -5.47 33.75 -11.30
CA LEU B 206 -5.28 35.07 -10.69
C LEU B 206 -4.09 35.74 -11.37
N SER B 207 -4.19 37.05 -11.60
CA SER B 207 -3.18 37.75 -12.41
C SER B 207 -1.88 37.89 -11.63
N SER B 208 -1.99 38.15 -10.32
CA SER B 208 -0.86 38.04 -9.40
C SER B 208 -1.40 37.37 -8.14
N PRO B 209 -0.51 36.98 -7.20
CA PRO B 209 -0.90 36.29 -5.96
C PRO B 209 -1.93 37.01 -5.08
N VAL B 210 -2.81 36.27 -4.44
CA VAL B 210 -3.73 36.85 -3.47
C VAL B 210 -3.36 36.39 -2.08
N THR B 211 -3.36 37.31 -1.14
CA THR B 211 -2.99 36.99 0.22
C THR B 211 -4.20 37.20 1.08
N LYS B 212 -4.36 36.37 2.09
CA LYS B 212 -5.39 36.57 3.10
C LYS B 212 -4.71 36.40 4.43
N SER B 213 -5.04 37.26 5.40
CA SER B 213 -4.33 37.19 6.67
C SER B 213 -5.18 37.64 7.83
N PHE B 214 -4.70 37.44 9.04
CA PHE B 214 -5.40 38.03 10.17
C PHE B 214 -4.33 38.24 11.21
N ASN B 215 -4.67 39.01 12.24
CA ASN B 215 -3.78 39.25 13.36
C ASN B 215 -4.33 38.51 14.54
N ARG B 216 -3.48 37.67 15.10
CA ARG B 216 -3.83 36.86 16.26
C ARG B 216 -4.49 37.70 17.32
N GLY B 217 -5.64 37.24 17.79
CA GLY B 217 -6.31 37.81 18.97
C GLY B 217 -7.08 39.08 18.71
N GLU B 218 -7.01 39.58 17.48
CA GLU B 218 -7.73 40.78 17.07
C GLU B 218 -8.86 40.42 16.10
N CYS B 219 -9.95 41.17 16.21
CA CYS B 219 -11.04 41.13 15.24
C CYS B 219 -10.59 42.00 14.10
N ALA B 220 -10.88 41.61 12.85
CA ALA B 220 -10.53 42.46 11.69
C ALA B 220 -11.42 43.71 11.56
N ALA B 221 -10.86 44.70 10.86
CA ALA B 221 -11.46 46.01 10.68
C ALA B 221 -12.83 45.98 9.99
N ALA B 222 -12.94 45.17 8.92
CA ALA B 222 -14.20 45.05 8.19
C ALA B 222 -15.29 44.46 9.06
N ASP B 223 -14.88 43.78 10.13
CA ASP B 223 -15.78 43.20 11.13
C ASP B 223 -16.03 44.10 12.34
N TYR B 224 -15.91 45.42 12.15
CA TYR B 224 -16.24 46.39 13.18
C TYR B 224 -17.66 46.15 13.72
N LYS B 225 -17.82 46.20 15.03
CA LYS B 225 -19.15 46.28 15.65
C LYS B 225 -19.08 47.29 16.77
N ASP B 226 -20.16 48.03 17.01
CA ASP B 226 -20.15 48.99 18.11
C ASP B 226 -20.00 48.26 19.47
N ASP B 227 -19.42 48.91 20.48
CA ASP B 227 -19.32 48.37 21.85
C ASP B 227 -20.70 48.43 22.52
N ASP B 228 -20.92 47.59 23.53
CA ASP B 228 -22.15 47.69 24.37
C ASP B 228 -21.83 48.43 25.67
N ASP B 229 -22.85 48.72 26.48
CA ASP B 229 -22.59 49.24 27.83
C ASP B 229 -21.83 48.16 28.60
N GLN C 1 35.69 0.27 -9.10
CA GLN C 1 34.25 0.27 -9.58
C GLN C 1 33.44 1.48 -9.10
N VAL C 2 32.33 1.77 -9.80
CA VAL C 2 31.46 2.79 -9.31
C VAL C 2 30.41 2.16 -8.41
N THR C 3 30.17 2.81 -7.29
CA THR C 3 29.11 2.35 -6.42
C THR C 3 28.29 3.52 -6.00
N LEU C 4 27.04 3.25 -5.63
CA LEU C 4 26.15 4.25 -5.09
C LEU C 4 25.66 3.77 -3.75
N LYS C 5 25.24 4.69 -2.89
CA LYS C 5 24.86 4.32 -1.53
C LYS C 5 23.88 5.30 -0.95
N GLU C 6 22.67 4.81 -0.68
CA GLU C 6 21.64 5.64 -0.12
C GLU C 6 21.87 5.76 1.39
N SER C 7 21.23 6.75 2.01
CA SER C 7 21.29 6.94 3.46
C SER C 7 20.33 8.05 3.76
N GLY C 8 19.92 8.18 5.01
CA GLY C 8 18.93 9.17 5.42
C GLY C 8 18.12 8.62 6.57
N PRO C 9 17.16 9.41 7.10
CA PRO C 9 16.28 8.85 8.13
C PRO C 9 15.53 7.59 7.66
N THR C 10 15.60 6.58 8.50
CA THR C 10 14.93 5.34 8.29
C THR C 10 13.43 5.44 8.73
N LEU C 11 13.11 6.49 9.51
CA LEU C 11 11.78 6.71 10.10
C LEU C 11 11.39 8.20 10.07
N VAL C 12 10.22 8.52 9.53
CA VAL C 12 9.74 9.88 9.41
C VAL C 12 8.26 9.87 9.81
N LYS C 13 7.83 10.87 10.57
CA LYS C 13 6.44 10.94 10.95
C LYS C 13 5.55 11.35 9.75
N PRO C 14 4.32 10.87 9.71
CA PRO C 14 3.40 11.29 8.64
C PRO C 14 3.34 12.80 8.63
N THR C 15 3.28 13.38 7.43
CA THR C 15 3.12 14.83 7.28
C THR C 15 4.48 15.56 7.26
N GLN C 16 5.51 14.90 7.78
CA GLN C 16 6.84 15.49 7.85
C GLN C 16 7.64 15.25 6.55
N THR C 17 8.81 15.85 6.45
CA THR C 17 9.60 15.83 5.22
C THR C 17 10.72 14.79 5.32
N LEU C 18 10.94 14.07 4.22
CA LEU C 18 12.02 13.10 4.07
C LEU C 18 13.12 13.66 3.20
N THR C 19 14.35 13.56 3.63
CA THR C 19 15.46 13.86 2.71
C THR C 19 16.41 12.66 2.60
N LEU C 20 16.63 12.17 1.39
CA LEU C 20 17.48 11.02 1.15
C LEU C 20 18.69 11.48 0.37
N THR C 21 19.82 10.86 0.61
CA THR C 21 21.05 11.20 -0.08
C THR C 21 21.62 9.97 -0.70
N CYS C 22 22.30 10.16 -1.83
CA CYS C 22 22.95 9.10 -2.54
C CYS C 22 24.38 9.55 -2.82
N THR C 23 25.35 8.89 -2.22
CA THR C 23 26.75 9.24 -2.38
C THR C 23 27.34 8.34 -3.46
N PHE C 24 28.15 8.90 -4.34
CA PHE C 24 28.77 8.14 -5.42
C PHE C 24 30.23 8.01 -5.10
N SER C 25 30.80 6.85 -5.42
CA SER C 25 32.25 6.67 -5.36
C SER C 25 32.66 6.12 -6.69
N GLY C 26 33.92 6.40 -7.05
CA GLY C 26 34.52 5.84 -8.25
C GLY C 26 34.47 6.78 -9.43
N PHE C 27 33.71 7.86 -9.32
CA PHE C 27 33.70 8.87 -10.39
C PHE C 27 33.22 10.16 -9.79
N SER C 28 33.70 11.24 -10.37
CA SER C 28 33.21 12.55 -10.02
C SER C 28 31.99 12.96 -10.87
N LEU C 29 30.87 13.15 -10.20
CA LEU C 29 29.85 14.10 -10.65
C LEU C 29 30.54 15.42 -10.33
N ARG C 30 30.14 16.47 -11.04
CA ARG C 30 30.95 17.72 -11.22
C ARG C 30 31.69 17.63 -12.52
N THR C 31 31.97 16.44 -13.02
CA THR C 31 32.76 16.34 -14.26
C THR C 31 32.12 15.45 -15.27
N SER C 32 31.10 14.75 -14.81
CA SER C 32 30.48 13.67 -15.54
C SER C 32 29.23 14.10 -16.32
N ARG C 33 28.88 13.32 -17.35
CA ARG C 33 27.60 13.56 -18.01
C ARG C 33 26.41 12.66 -17.56
N VAL C 34 26.61 11.81 -16.56
CA VAL C 34 25.52 10.90 -16.17
C VAL C 34 24.33 11.61 -15.49
N GLY C 35 23.14 11.04 -15.68
CA GLY C 35 21.95 11.40 -14.91
C GLY C 35 21.77 10.47 -13.72
N VAL C 36 20.83 10.80 -12.82
CA VAL C 36 20.60 10.04 -11.61
C VAL C 36 19.11 10.08 -11.25
N SER C 37 18.48 8.92 -11.14
CA SER C 37 17.05 8.81 -10.79
C SER C 37 16.84 8.32 -9.34
N TRP C 38 15.70 8.64 -8.77
CA TRP C 38 15.32 7.98 -7.53
C TRP C 38 14.14 7.07 -7.88
N ILE C 39 14.20 5.83 -7.39
CA ILE C 39 13.13 4.87 -7.62
C ILE C 39 12.69 4.28 -6.27
N ARG C 40 11.42 4.05 -6.10
CA ARG C 40 11.05 3.38 -4.87
C ARG C 40 10.26 2.05 -5.04
N GLN C 41 10.29 1.19 -4.01
CA GLN C 41 9.51 -0.03 -4.04
C GLN C 41 8.83 -0.27 -2.70
N PRO C 42 7.49 -0.10 -2.64
CA PRO C 42 6.86 -0.47 -1.37
C PRO C 42 6.93 -2.01 -1.14
N PRO C 43 6.81 -2.45 0.13
CA PRO C 43 7.04 -3.86 0.44
C PRO C 43 6.09 -4.74 -0.40
N GLY C 44 6.68 -5.65 -1.17
CA GLY C 44 5.90 -6.57 -1.97
C GLY C 44 5.10 -5.94 -3.10
N LYS C 45 5.53 -4.75 -3.53
CA LYS C 45 4.97 -4.05 -4.70
C LYS C 45 5.99 -3.83 -5.78
N ALA C 46 5.51 -3.41 -6.95
CA ALA C 46 6.33 -3.06 -8.13
C ALA C 46 7.22 -1.83 -7.89
N LEU C 47 8.21 -1.63 -8.75
CA LEU C 47 9.08 -0.46 -8.65
C LEU C 47 8.36 0.77 -9.24
N GLU C 48 8.54 1.93 -8.59
CA GLU C 48 7.99 3.18 -9.09
C GLU C 48 9.07 4.27 -9.26
N TRP C 49 9.12 4.86 -10.45
CA TRP C 49 10.10 5.95 -10.71
C TRP C 49 9.61 7.28 -10.12
N LEU C 50 10.53 8.02 -9.47
CA LEU C 50 10.17 9.22 -8.72
C LEU C 50 10.59 10.52 -9.43
N ALA C 51 11.85 10.54 -9.90
CA ALA C 51 12.50 11.81 -10.30
C ALA C 51 13.81 11.49 -10.97
N HIS C 52 14.25 12.30 -11.93
CA HIS C 52 15.58 12.11 -12.61
C HIS C 52 16.28 13.47 -12.58
N ILE C 53 17.61 13.47 -12.54
CA ILE C 53 18.33 14.72 -12.71
C ILE C 53 19.42 14.45 -13.71
N TYR C 54 19.54 15.31 -14.74
CA TYR C 54 20.55 15.11 -15.77
C TYR C 54 21.75 15.90 -15.33
N TRP C 55 22.86 15.76 -16.03
CA TRP C 55 24.11 16.40 -15.61
C TRP C 55 24.02 17.93 -15.51
N ASP C 56 23.08 18.52 -16.24
CA ASP C 56 23.04 19.97 -16.37
C ASP C 56 22.09 20.64 -15.40
N ASP C 57 21.58 19.89 -14.42
CA ASP C 57 20.60 20.38 -13.45
C ASP C 57 19.15 20.45 -13.98
N ASP C 58 18.93 20.06 -15.23
CA ASP C 58 17.55 19.82 -15.72
C ASP C 58 16.91 18.66 -14.91
N LYS C 59 15.60 18.65 -14.72
CA LYS C 59 14.94 17.73 -13.77
C LYS C 59 13.62 17.23 -14.30
N ARG C 60 13.30 15.98 -14.03
CA ARG C 60 11.99 15.46 -14.38
C ARG C 60 11.39 14.82 -13.16
N TYR C 61 10.09 14.67 -13.17
CA TYR C 61 9.43 14.24 -11.96
C TYR C 61 8.24 13.41 -12.34
N ASN C 62 7.97 12.39 -11.53
CA ASN C 62 6.72 11.67 -11.61
C ASN C 62 5.54 12.64 -11.42
N PRO C 63 4.74 12.83 -12.51
CA PRO C 63 3.67 13.83 -12.53
C PRO C 63 2.79 13.83 -11.28
N SER C 64 2.49 12.66 -10.74
CA SER C 64 1.52 12.60 -9.67
C SER C 64 2.17 12.77 -8.30
N LEU C 65 3.47 13.01 -8.26
CA LEU C 65 4.13 13.28 -6.98
C LEU C 65 4.91 14.61 -6.99
N LYS C 66 5.25 15.09 -8.21
CA LYS C 66 5.88 16.40 -8.48
C LYS C 66 5.76 17.48 -7.41
N SER C 67 4.55 17.72 -6.90
CA SER C 67 4.40 18.89 -6.05
C SER C 67 5.10 18.62 -4.72
N ARG C 68 5.43 17.36 -4.46
CA ARG C 68 6.11 16.97 -3.21
C ARG C 68 7.60 16.66 -3.40
N LEU C 69 8.06 16.56 -4.64
CA LEU C 69 9.43 16.13 -4.86
C LEU C 69 10.38 17.27 -5.18
N THR C 70 11.56 17.20 -4.60
CA THR C 70 12.67 17.97 -5.14
C THR C 70 13.82 17.03 -5.30
N ILE C 71 14.45 17.06 -6.45
CA ILE C 71 15.72 16.33 -6.59
C ILE C 71 16.77 17.42 -6.73
N SER C 72 17.94 17.20 -6.15
CA SER C 72 18.98 18.24 -6.26
C SER C 72 20.36 17.62 -6.26
N LYS C 73 21.40 18.43 -6.38
CA LYS C 73 22.73 17.84 -6.56
C LYS C 73 23.76 18.66 -5.85
N ASP C 74 24.59 18.00 -5.07
CA ASP C 74 25.69 18.67 -4.37
C ASP C 74 27.01 18.06 -4.81
N THR C 75 27.60 18.59 -5.85
CA THR C 75 28.82 17.98 -6.34
C THR C 75 30.03 18.14 -5.42
N SER C 76 29.94 18.97 -4.38
CA SER C 76 31.07 19.12 -3.42
C SER C 76 31.23 17.89 -2.53
N LYS C 77 30.10 17.26 -2.23
CA LYS C 77 30.02 16.03 -1.46
C LYS C 77 29.70 14.86 -2.40
N ASN C 78 29.64 15.10 -3.71
CA ASN C 78 29.40 14.07 -4.73
C ASN C 78 28.08 13.30 -4.55
N GLN C 79 27.01 14.03 -4.20
CA GLN C 79 25.75 13.43 -3.82
C GLN C 79 24.59 13.92 -4.65
N VAL C 80 23.55 13.10 -4.74
CA VAL C 80 22.27 13.55 -5.25
C VAL C 80 21.28 13.45 -4.09
N VAL C 81 20.48 14.48 -3.87
CA VAL C 81 19.59 14.51 -2.73
C VAL C 81 18.16 14.45 -3.26
N LEU C 82 17.27 13.79 -2.54
CA LEU C 82 15.86 13.78 -2.87
C LEU C 82 15.17 14.28 -1.61
N THR C 83 14.38 15.32 -1.73
CA THR C 83 13.55 15.79 -0.62
C THR C 83 12.12 15.43 -1.01
N MET C 84 11.32 14.90 -0.08
CA MET C 84 9.90 14.62 -0.32
C MET C 84 9.11 15.12 0.90
N THR C 85 8.20 16.07 0.70
CA THR C 85 7.44 16.62 1.83
C THR C 85 6.11 15.86 2.01
N ASN C 86 5.41 16.14 3.09
CA ASN C 86 4.11 15.56 3.42
C ASN C 86 4.05 14.04 3.26
N MET C 87 5.05 13.40 3.88
CA MET C 87 5.19 11.92 3.83
C MET C 87 3.92 11.29 4.41
N ASP C 88 3.50 10.20 3.78
CA ASP C 88 2.26 9.52 4.08
C ASP C 88 2.62 8.05 4.30
N PRO C 89 1.79 7.32 5.08
CA PRO C 89 2.05 5.87 5.19
C PRO C 89 2.14 5.12 3.88
N VAL C 90 1.52 5.62 2.82
CA VAL C 90 1.62 4.91 1.59
C VAL C 90 3.02 5.12 0.99
N ASP C 91 3.83 5.98 1.62
CA ASP C 91 5.16 6.28 1.08
C ASP C 91 6.23 5.38 1.68
N THR C 92 5.86 4.57 2.69
CA THR C 92 6.75 3.53 3.26
C THR C 92 7.31 2.56 2.17
N ALA C 93 8.59 2.45 2.01
CA ALA C 93 9.10 1.65 0.88
C ALA C 93 10.62 1.56 0.90
N THR C 94 11.23 0.79 0.02
CA THR C 94 12.69 0.87 -0.19
C THR C 94 12.94 1.91 -1.29
N TYR C 95 13.78 2.87 -0.98
CA TYR C 95 14.09 3.94 -1.91
C TYR C 95 15.47 3.68 -2.51
N TYR C 96 15.53 3.61 -3.85
CA TYR C 96 16.77 3.42 -4.63
C TYR C 96 17.19 4.64 -5.43
N CYS C 97 18.52 4.83 -5.48
CA CYS C 97 19.28 5.73 -6.33
C CYS C 97 19.79 4.94 -7.54
N ALA C 98 19.57 5.39 -8.78
CA ALA C 98 20.11 4.66 -9.96
C ALA C 98 20.73 5.56 -11.03
N ARG C 99 21.95 5.25 -11.40
CA ARG C 99 22.71 6.03 -12.38
C ARG C 99 22.37 5.66 -13.82
N ARG C 100 22.21 6.67 -14.69
CA ARG C 100 22.03 6.50 -16.13
C ARG C 100 23.32 6.95 -16.78
N GLY C 101 24.10 5.96 -17.24
CA GLY C 101 25.47 6.17 -17.67
C GLY C 101 25.56 6.25 -19.16
N PHE C 102 26.71 6.72 -19.64
CA PHE C 102 26.99 6.90 -21.04
C PHE C 102 28.19 6.06 -21.39
N TYR C 103 28.22 5.59 -22.64
CA TYR C 103 29.20 4.61 -23.06
C TYR C 103 29.54 4.97 -24.46
N GLY C 104 30.80 4.77 -24.83
CA GLY C 104 31.25 5.15 -26.13
C GLY C 104 31.81 6.55 -26.02
N ARG C 105 32.75 6.86 -26.88
CA ARG C 105 33.52 8.09 -26.76
C ARG C 105 32.78 9.34 -27.21
N LYS C 106 31.84 9.18 -28.13
CA LYS C 106 30.95 10.25 -28.52
C LYS C 106 29.59 10.12 -27.78
N TYR C 107 29.59 9.49 -26.60
CA TYR C 107 28.37 9.34 -25.75
C TYR C 107 27.20 8.61 -26.43
N GLU C 108 27.50 7.79 -27.45
CA GLU C 108 26.45 7.25 -28.34
C GLU C 108 25.41 6.30 -27.74
N VAL C 109 25.67 5.73 -26.55
CA VAL C 109 24.69 4.89 -25.88
C VAL C 109 24.52 5.31 -24.42
N ASN C 110 23.29 5.27 -23.96
CA ASN C 110 22.99 5.46 -22.55
C ASN C 110 21.94 4.44 -22.11
N HIS C 111 21.98 4.14 -20.82
CA HIS C 111 21.00 3.31 -20.11
C HIS C 111 21.38 3.38 -18.62
N PHE C 112 20.42 3.07 -17.73
CA PHE C 112 20.73 2.93 -16.32
C PHE C 112 21.63 1.72 -16.10
N ASP C 113 22.65 1.85 -15.27
CA ASP C 113 23.57 0.77 -14.96
C ASP C 113 23.58 0.48 -13.44
N TYR C 114 24.39 1.18 -12.66
CA TYR C 114 24.46 0.89 -11.22
C TYR C 114 23.27 1.40 -10.42
N TRP C 115 22.79 0.60 -9.48
CA TRP C 115 21.76 1.02 -8.52
C TRP C 115 22.40 0.81 -7.17
N GLY C 116 22.02 1.56 -6.15
CA GLY C 116 22.55 1.27 -4.83
C GLY C 116 21.73 0.18 -4.14
N GLN C 117 22.09 -0.12 -2.90
CA GLN C 117 21.57 -1.23 -2.19
C GLN C 117 20.13 -0.97 -1.68
N GLY C 118 19.75 0.29 -1.66
CA GLY C 118 18.41 0.71 -1.35
C GLY C 118 18.42 1.11 0.09
N THR C 119 17.50 1.97 0.51
CA THR C 119 17.39 2.32 1.93
C THR C 119 15.91 2.21 2.33
N THR C 120 15.65 1.81 3.57
CA THR C 120 14.29 1.46 3.97
C THR C 120 13.66 2.64 4.68
N VAL C 121 12.47 3.01 4.21
CA VAL C 121 11.82 4.16 4.77
C VAL C 121 10.45 3.82 5.33
N THR C 122 10.28 4.11 6.60
CA THR C 122 8.98 3.90 7.25
C THR C 122 8.38 5.22 7.66
N VAL C 123 7.10 5.41 7.32
CA VAL C 123 6.39 6.62 7.64
C VAL C 123 5.44 6.21 8.72
N SER C 124 5.66 6.73 9.93
CA SER C 124 4.90 6.26 11.06
C SER C 124 5.08 7.18 12.28
N SER C 125 4.09 7.21 13.15
CA SER C 125 4.18 8.05 14.33
C SER C 125 4.85 7.37 15.51
N ALA C 126 5.22 6.10 15.36
CA ALA C 126 5.66 5.30 16.49
C ALA C 126 7.15 5.48 16.74
N SER C 127 7.56 5.29 17.98
CA SER C 127 8.96 5.44 18.33
C SER C 127 9.80 4.28 17.82
N THR C 128 11.09 4.56 17.67
CA THR C 128 12.16 3.60 17.56
C THR C 128 12.36 2.80 18.86
N LYS C 129 12.45 1.49 18.71
CA LYS C 129 12.63 0.56 19.82
C LYS C 129 13.61 -0.52 19.36
N GLY C 130 14.68 -0.69 20.15
CA GLY C 130 15.67 -1.74 19.88
C GLY C 130 15.13 -3.15 20.10
N PRO C 131 15.71 -4.15 19.38
CA PRO C 131 15.21 -5.54 19.43
C PRO C 131 15.71 -6.30 20.68
N SER C 132 14.94 -7.32 21.08
CA SER C 132 15.39 -8.32 22.05
C SER C 132 15.82 -9.51 21.20
N VAL C 133 16.87 -10.21 21.65
CA VAL C 133 17.33 -11.41 20.94
C VAL C 133 17.39 -12.67 21.81
N PHE C 134 16.65 -13.69 21.38
CA PHE C 134 16.53 -14.94 22.14
C PHE C 134 16.96 -16.14 21.32
N PRO C 135 17.54 -17.16 22.00
CA PRO C 135 17.99 -18.42 21.43
C PRO C 135 16.85 -19.27 20.91
N LEU C 136 16.99 -19.82 19.71
CA LEU C 136 16.20 -20.96 19.30
C LEU C 136 17.15 -22.15 19.40
N ALA C 137 17.09 -22.87 20.52
CA ALA C 137 18.18 -23.81 20.87
C ALA C 137 18.01 -25.17 20.18
N PRO C 138 19.14 -25.76 19.74
CA PRO C 138 19.22 -27.10 19.20
C PRO C 138 18.83 -28.13 20.27
N SER C 139 17.90 -29.00 19.89
CA SER C 139 17.65 -30.20 20.65
C SER C 139 17.37 -31.32 19.65
N SER C 140 17.10 -32.50 20.20
CA SER C 140 16.56 -33.61 19.45
C SER C 140 15.32 -33.31 18.62
N LYS C 141 14.43 -32.48 19.18
CA LYS C 141 13.15 -32.09 18.57
C LYS C 141 13.38 -31.09 17.43
N SER C 142 14.63 -30.67 17.28
CA SER C 142 15.00 -29.77 16.21
C SER C 142 16.10 -30.42 15.34
N THR C 143 16.07 -31.75 15.25
CA THR C 143 16.95 -32.52 14.38
C THR C 143 16.13 -33.48 13.53
N SER C 144 16.68 -33.89 12.38
CA SER C 144 16.05 -34.90 11.50
C SER C 144 17.11 -35.55 10.62
N GLY C 145 17.31 -36.84 10.83
CA GLY C 145 18.37 -37.56 10.18
C GLY C 145 19.70 -36.99 10.64
N GLY C 146 20.54 -36.62 9.67
CA GLY C 146 21.87 -36.08 9.96
C GLY C 146 21.90 -34.60 10.30
N THR C 147 20.80 -33.89 10.07
CA THR C 147 20.88 -32.43 10.07
C THR C 147 20.09 -31.74 11.21
N ALA C 148 20.73 -30.76 11.86
CA ALA C 148 20.15 -30.03 13.02
C ALA C 148 19.85 -28.54 12.75
N ALA C 149 18.73 -28.04 13.28
CA ALA C 149 18.38 -26.61 13.20
C ALA C 149 18.55 -25.89 14.54
N LEU C 150 19.24 -24.75 14.50
CA LEU C 150 19.26 -23.76 15.58
C LEU C 150 19.04 -22.34 15.00
N GLY C 151 18.53 -21.41 15.82
CA GLY C 151 18.50 -20.02 15.42
C GLY C 151 18.47 -18.94 16.50
N CYS C 152 18.18 -17.71 16.05
CA CYS C 152 17.82 -16.59 16.91
C CYS C 152 16.43 -16.05 16.58
N LEU C 153 15.67 -15.78 17.64
CA LEU C 153 14.42 -15.05 17.53
C LEU C 153 14.69 -13.58 17.85
N VAL C 154 14.30 -12.72 16.88
CA VAL C 154 14.55 -11.27 16.94
C VAL C 154 13.25 -10.52 17.06
N LYS C 155 13.08 -9.86 18.19
CA LYS C 155 11.72 -9.56 18.63
C LYS C 155 11.61 -8.15 19.18
N ASP C 156 10.46 -7.53 18.94
CA ASP C 156 10.07 -6.30 19.64
C ASP C 156 10.85 -5.06 19.21
N TYR C 157 11.20 -4.98 17.93
CA TYR C 157 11.86 -3.83 17.38
C TYR C 157 10.99 -2.93 16.51
N PHE C 158 11.47 -1.71 16.27
CA PHE C 158 10.72 -0.77 15.37
C PHE C 158 11.65 0.35 14.97
N PRO C 159 11.64 0.71 13.69
CA PRO C 159 10.98 0.08 12.56
C PRO C 159 11.92 -0.97 11.91
N GLU C 160 11.50 -1.49 10.77
CA GLU C 160 12.41 -2.19 9.84
C GLU C 160 13.64 -1.35 9.42
N PRO C 161 14.75 -1.99 9.05
CA PRO C 161 15.10 -3.36 9.00
C PRO C 161 15.94 -3.79 10.22
N VAL C 162 16.06 -5.09 10.38
CA VAL C 162 17.10 -5.65 11.20
C VAL C 162 18.04 -6.43 10.27
N THR C 163 19.32 -6.51 10.64
CA THR C 163 20.32 -7.34 9.98
C THR C 163 20.74 -8.52 10.90
N VAL C 164 20.81 -9.74 10.34
CA VAL C 164 21.28 -10.96 11.06
C VAL C 164 22.30 -11.73 10.20
N SER C 165 23.51 -11.92 10.70
CA SER C 165 24.43 -12.87 10.10
C SER C 165 24.88 -13.92 11.16
N TRP C 166 25.64 -14.95 10.76
CA TRP C 166 26.02 -15.97 11.74
C TRP C 166 27.54 -16.08 11.81
N ASN C 167 28.06 -16.20 13.04
CA ASN C 167 29.53 -16.21 13.31
C ASN C 167 30.28 -15.08 12.63
N SER C 168 29.87 -13.85 12.96
CA SER C 168 30.36 -12.66 12.28
C SER C 168 30.35 -12.83 10.78
N GLY C 169 29.20 -13.21 10.24
CA GLY C 169 28.99 -13.21 8.81
C GLY C 169 29.65 -14.33 8.04
N ALA C 170 28.89 -14.82 7.04
CA ALA C 170 29.37 -15.74 6.00
C ALA C 170 29.81 -17.14 6.47
N LEU C 171 29.31 -17.53 7.64
CA LEU C 171 29.48 -18.88 8.09
C LEU C 171 28.11 -19.49 7.93
N THR C 172 27.63 -19.38 6.68
CA THR C 172 26.19 -19.51 6.35
C THR C 172 25.72 -20.85 5.76
N SER C 173 25.79 -20.94 4.41
CA SER C 173 25.23 -22.04 3.61
C SER C 173 23.74 -22.37 3.87
N GLY C 174 23.42 -22.93 5.03
CA GLY C 174 22.04 -23.35 5.31
C GLY C 174 21.18 -22.36 6.09
N VAL C 175 21.55 -21.07 6.01
CA VAL C 175 20.92 -19.98 6.78
C VAL C 175 19.62 -19.45 6.14
N HIS C 176 18.53 -19.38 6.92
CA HIS C 176 17.30 -18.74 6.48
C HIS C 176 16.85 -17.63 7.46
N THR C 177 16.83 -16.38 6.99
CA THR C 177 16.27 -15.30 7.80
C THR C 177 14.92 -14.97 7.21
N PHE C 178 13.87 -15.27 7.98
CA PHE C 178 12.52 -15.04 7.50
C PHE C 178 12.14 -13.55 7.46
N PRO C 179 11.29 -13.17 6.50
CA PRO C 179 10.78 -11.80 6.52
C PRO C 179 10.12 -11.51 7.86
N ALA C 180 10.30 -10.28 8.35
CA ALA C 180 9.66 -9.83 9.62
C ALA C 180 8.17 -9.77 9.47
N VAL C 181 7.46 -10.02 10.57
CA VAL C 181 6.07 -9.68 10.64
C VAL C 181 5.76 -8.76 11.79
N LEU C 182 4.80 -7.87 11.53
CA LEU C 182 4.46 -6.86 12.49
C LEU C 182 3.46 -7.52 13.45
N GLN C 183 3.79 -7.55 14.73
CA GLN C 183 2.94 -8.17 15.79
C GLN C 183 1.73 -7.31 16.15
N SER C 184 0.75 -7.86 16.86
CA SER C 184 -0.41 -7.08 17.29
C SER C 184 0.06 -5.91 18.14
N SER C 185 1.25 -6.04 18.70
CA SER C 185 1.78 -5.01 19.58
C SER C 185 2.24 -3.78 18.75
N GLY C 186 2.41 -3.96 17.44
CA GLY C 186 2.86 -2.91 16.58
C GLY C 186 4.36 -2.92 16.51
N LEU C 187 4.97 -4.03 16.94
CA LEU C 187 6.42 -4.17 16.91
C LEU C 187 6.81 -5.34 15.99
N TYR C 188 8.02 -5.32 15.43
CA TYR C 188 8.34 -6.38 14.48
C TYR C 188 8.92 -7.60 15.17
N SER C 189 8.73 -8.74 14.53
CA SER C 189 9.40 -9.99 14.97
C SER C 189 9.81 -10.88 13.80
N LEU C 190 10.91 -11.59 13.95
CA LEU C 190 11.34 -12.57 12.98
C LEU C 190 12.37 -13.57 13.59
N SER C 191 12.55 -14.70 12.92
CA SER C 191 13.56 -15.67 13.30
C SER C 191 14.55 -15.76 12.18
N SER C 192 15.80 -16.00 12.59
CA SER C 192 16.85 -16.39 11.71
C SER C 192 17.40 -17.76 12.17
N VAL C 193 17.55 -18.64 11.20
CA VAL C 193 17.67 -20.06 11.44
C VAL C 193 18.80 -20.64 10.60
N VAL C 194 19.36 -21.76 11.07
CA VAL C 194 20.51 -22.36 10.43
C VAL C 194 20.45 -23.89 10.56
N THR C 195 20.76 -24.55 9.44
CA THR C 195 20.89 -26.00 9.38
C THR C 195 22.37 -26.41 9.34
N VAL C 196 22.72 -27.40 10.16
CA VAL C 196 24.09 -27.81 10.43
C VAL C 196 24.10 -29.32 10.74
N PRO C 197 25.23 -30.01 10.47
CA PRO C 197 25.31 -31.40 10.92
C PRO C 197 24.91 -31.51 12.40
N SER C 198 24.08 -32.50 12.74
CA SER C 198 23.70 -32.78 14.12
C SER C 198 24.71 -33.65 14.92
N SER C 199 25.54 -34.45 14.24
CA SER C 199 26.57 -35.26 14.91
C SER C 199 27.56 -34.36 15.66
N SER C 200 27.73 -33.16 15.12
CA SER C 200 28.42 -32.05 15.78
C SER C 200 27.39 -31.06 16.32
N LEU C 201 27.85 -30.12 17.15
CA LEU C 201 27.02 -29.22 18.00
C LEU C 201 27.89 -29.37 19.24
N GLY C 202 29.19 -29.55 19.00
CA GLY C 202 30.06 -30.14 19.99
C GLY C 202 30.99 -29.13 20.56
N THR C 203 32.28 -29.26 20.26
CA THR C 203 33.15 -28.07 20.29
C THR C 203 32.89 -27.19 19.04
N GLN C 204 31.61 -27.00 18.72
CA GLN C 204 31.21 -26.21 17.54
C GLN C 204 30.20 -25.11 17.92
N THR C 205 30.55 -23.88 17.55
CA THR C 205 30.12 -22.66 18.21
C THR C 205 29.19 -21.89 17.29
N TYR C 206 28.11 -21.36 17.86
CA TYR C 206 27.17 -20.64 17.03
C TYR C 206 26.69 -19.34 17.68
N ILE C 207 27.10 -18.22 17.07
CA ILE C 207 26.62 -16.89 17.42
C ILE C 207 25.69 -16.29 16.35
N CYS C 208 24.64 -15.62 16.79
CA CYS C 208 23.90 -14.81 15.83
C CYS C 208 24.24 -13.36 16.08
N ASN C 209 24.41 -12.62 14.98
CA ASN C 209 24.81 -11.21 14.99
C ASN C 209 23.68 -10.28 14.52
N VAL C 210 23.22 -9.41 15.43
CA VAL C 210 22.07 -8.57 15.19
C VAL C 210 22.41 -7.09 15.17
N ASN C 211 21.99 -6.40 14.11
CA ASN C 211 22.21 -4.98 13.95
C ASN C 211 20.88 -4.39 13.54
N HIS C 212 20.37 -3.47 14.37
CA HIS C 212 19.19 -2.67 14.09
C HIS C 212 19.67 -1.23 14.09
N LYS C 213 19.99 -0.73 12.89
CA LYS C 213 20.55 0.61 12.72
C LYS C 213 19.63 1.75 13.28
N PRO C 214 18.31 1.69 13.07
CA PRO C 214 17.50 2.78 13.66
C PRO C 214 17.72 3.08 15.15
N SER C 215 17.86 2.08 16.00
CA SER C 215 18.01 2.29 17.44
C SER C 215 19.47 2.26 17.88
N ASN C 216 20.34 2.21 16.89
CA ASN C 216 21.76 1.95 17.08
C ASN C 216 21.98 0.86 18.15
N THR C 217 21.51 -0.36 17.88
CA THR C 217 21.67 -1.51 18.78
C THR C 217 22.41 -2.61 18.05
N LYS C 218 23.49 -3.09 18.66
CA LYS C 218 24.15 -4.32 18.26
C LYS C 218 24.01 -5.27 19.44
N VAL C 219 23.59 -6.49 19.19
CA VAL C 219 23.39 -7.48 20.26
C VAL C 219 23.95 -8.81 19.79
N ASP C 220 24.95 -9.32 20.52
CA ASP C 220 25.53 -10.65 20.30
C ASP C 220 24.88 -11.74 21.16
N LYS C 221 24.65 -12.92 20.59
CA LYS C 221 23.97 -14.02 21.30
C LYS C 221 24.48 -15.40 20.90
N LYS C 222 25.06 -16.10 21.86
CA LYS C 222 25.49 -17.48 21.67
C LYS C 222 24.29 -18.40 21.86
N VAL C 223 24.20 -19.41 20.99
CA VAL C 223 23.08 -20.35 21.00
C VAL C 223 23.60 -21.77 21.26
N GLU C 224 23.02 -22.43 22.25
CA GLU C 224 23.45 -23.75 22.71
C GLU C 224 22.27 -24.52 23.30
N PRO C 225 22.50 -25.78 23.72
CA PRO C 225 21.34 -26.61 24.08
C PRO C 225 21.07 -26.60 25.61
N LYS C 226 20.78 -27.75 26.20
CA LYS C 226 20.69 -27.85 27.66
C LYS C 226 21.58 -28.94 28.29
N SER C 227 21.25 -29.22 29.55
CA SER C 227 21.54 -30.49 30.21
C SER C 227 20.28 -30.87 30.95
N CYS C 228 19.54 -29.84 31.41
CA CYS C 228 18.56 -29.93 32.50
C CYS C 228 19.23 -30.44 33.81
N GLY C 229 19.40 -29.54 34.78
CA GLY C 229 20.13 -29.86 36.01
C GLY C 229 21.60 -29.55 35.88
N ASP D 1 0.70 9.42 -19.96
CA ASP D 1 1.61 8.47 -19.27
C ASP D 1 1.56 7.17 -20.03
N ILE D 2 2.72 6.53 -20.15
CA ILE D 2 2.78 5.24 -20.81
C ILE D 2 2.64 4.06 -19.78
N VAL D 3 1.63 3.23 -20.00
CA VAL D 3 1.42 2.04 -19.18
C VAL D 3 2.20 0.84 -19.73
N MET D 4 3.00 0.21 -18.88
CA MET D 4 3.73 -1.02 -19.20
C MET D 4 3.07 -2.27 -18.60
N THR D 5 2.79 -3.28 -19.45
CA THR D 5 2.21 -4.55 -18.96
C THR D 5 3.04 -5.79 -19.23
N GLN D 6 3.20 -6.63 -18.20
CA GLN D 6 3.90 -7.91 -18.35
C GLN D 6 2.92 -9.06 -18.25
N SER D 7 3.22 -10.15 -18.96
CA SER D 7 2.40 -11.34 -18.93
C SER D 7 3.26 -12.58 -19.05
N PRO D 8 3.07 -13.55 -18.14
CA PRO D 8 2.21 -13.41 -16.99
C PRO D 8 2.98 -12.90 -15.77
N LEU D 9 2.24 -12.68 -14.68
CA LEU D 9 2.80 -12.19 -13.42
C LEU D 9 3.54 -13.28 -12.69
N SER D 10 3.13 -14.52 -12.99
CA SER D 10 3.62 -15.69 -12.31
C SER D 10 3.91 -16.75 -13.37
N LEU D 11 5.15 -17.21 -13.39
CA LEU D 11 5.60 -18.17 -14.39
C LEU D 11 6.39 -19.31 -13.76
N PRO D 12 5.76 -20.49 -13.59
CA PRO D 12 6.46 -21.71 -13.18
C PRO D 12 7.09 -22.45 -14.37
N VAL D 13 8.35 -22.85 -14.24
CA VAL D 13 9.12 -23.42 -15.34
C VAL D 13 10.03 -24.56 -14.86
N THR D 14 10.07 -25.65 -15.63
CA THR D 14 10.93 -26.80 -15.36
C THR D 14 12.42 -26.52 -15.68
N PRO D 15 13.34 -26.83 -14.74
CA PRO D 15 14.77 -26.55 -15.01
C PRO D 15 15.26 -27.19 -16.33
N GLY D 16 15.84 -26.37 -17.21
CA GLY D 16 16.28 -26.84 -18.54
C GLY D 16 15.33 -26.46 -19.67
N GLU D 17 14.10 -26.09 -19.31
CA GLU D 17 13.03 -25.70 -20.22
C GLU D 17 13.22 -24.24 -20.70
N PRO D 18 12.66 -23.90 -21.89
CA PRO D 18 12.61 -22.47 -22.29
C PRO D 18 11.54 -21.68 -21.50
N ALA D 19 11.65 -20.35 -21.49
CA ALA D 19 10.65 -19.45 -20.89
C ALA D 19 10.61 -18.08 -21.56
N SER D 20 9.41 -17.51 -21.66
CA SER D 20 9.17 -16.19 -22.25
C SER D 20 8.40 -15.26 -21.31
N ILE D 21 8.76 -13.99 -21.28
CA ILE D 21 7.94 -12.96 -20.62
C ILE D 21 7.54 -11.91 -21.66
N SER D 22 6.29 -11.48 -21.59
CA SER D 22 5.81 -10.47 -22.50
C SER D 22 5.79 -9.08 -21.81
N CYS D 23 6.21 -8.04 -22.55
CA CYS D 23 6.14 -6.65 -22.08
C CYS D 23 5.54 -5.75 -23.16
N ARG D 24 4.42 -5.14 -22.84
CA ARG D 24 3.74 -4.28 -23.80
C ARG D 24 3.59 -2.85 -23.26
N SER D 25 3.78 -1.88 -24.14
CA SER D 25 3.48 -0.51 -23.82
C SER D 25 2.18 -0.09 -24.50
N SER D 26 1.48 0.86 -23.90
CA SER D 26 0.19 1.31 -24.43
C SER D 26 0.33 2.24 -25.64
N GLN D 27 1.53 2.83 -25.76
CA GLN D 27 1.90 3.66 -26.91
C GLN D 27 3.32 3.27 -27.30
N SER D 28 3.77 3.67 -28.49
CA SER D 28 5.16 3.45 -28.88
C SER D 28 6.17 3.97 -27.84
N ILE D 29 7.24 3.23 -27.58
CA ILE D 29 8.37 3.79 -26.81
C ILE D 29 9.66 4.10 -27.57
N VAL D 30 9.54 4.34 -28.88
CA VAL D 30 10.67 4.84 -29.69
C VAL D 30 10.90 6.26 -29.21
N HIS D 31 12.10 6.54 -28.71
CA HIS D 31 12.48 7.91 -28.35
C HIS D 31 12.57 8.73 -29.64
N SER D 32 12.44 10.04 -29.51
CA SER D 32 12.55 10.93 -30.65
C SER D 32 13.90 10.79 -31.34
N ASN D 33 14.94 10.41 -30.58
CA ASN D 33 16.27 10.25 -31.19
C ASN D 33 16.49 8.95 -31.99
N GLY D 34 15.45 8.11 -32.05
CA GLY D 34 15.49 6.91 -32.88
C GLY D 34 15.69 5.62 -32.12
N HIS D 35 16.08 5.71 -30.85
CA HIS D 35 16.31 4.52 -30.04
C HIS D 35 15.13 4.15 -29.12
N THR D 36 14.97 2.85 -28.86
CA THR D 36 13.94 2.43 -27.92
C THR D 36 14.63 2.06 -26.60
N TYR D 37 14.42 2.86 -25.55
CA TYR D 37 15.03 2.64 -24.23
C TYR D 37 14.24 1.61 -23.41
N LEU D 38 14.41 0.34 -23.78
CA LEU D 38 13.74 -0.72 -23.08
C LEU D 38 14.72 -1.56 -22.27
N GLU D 39 14.56 -1.57 -20.96
CA GLU D 39 15.45 -2.32 -20.10
C GLU D 39 14.70 -3.49 -19.42
N TRP D 40 15.39 -4.60 -19.15
CA TRP D 40 14.86 -5.73 -18.34
C TRP D 40 15.67 -5.94 -17.08
N TYR D 41 14.97 -6.10 -15.95
CA TYR D 41 15.65 -6.35 -14.69
C TYR D 41 15.24 -7.70 -14.12
N LEU D 42 16.17 -8.28 -13.36
CA LEU D 42 15.88 -9.35 -12.43
C LEU D 42 16.15 -8.89 -10.99
N GLN D 43 15.13 -9.01 -10.16
CA GLN D 43 15.29 -8.68 -8.77
C GLN D 43 15.15 -9.90 -7.92
N LYS D 44 16.20 -10.14 -7.13
CA LYS D 44 16.21 -11.16 -6.08
C LYS D 44 15.66 -10.58 -4.80
N PRO D 45 14.89 -11.39 -4.06
CA PRO D 45 14.28 -11.12 -2.73
C PRO D 45 15.04 -10.13 -1.83
N GLY D 46 14.41 -8.98 -1.58
CA GLY D 46 14.97 -7.89 -0.74
C GLY D 46 16.22 -7.15 -1.25
N GLN D 47 16.60 -7.34 -2.52
CA GLN D 47 17.88 -6.84 -3.08
C GLN D 47 17.62 -5.90 -4.24
N SER D 48 18.61 -5.16 -4.68
CA SER D 48 18.38 -4.21 -5.78
C SER D 48 18.28 -4.93 -7.09
N PRO D 49 17.41 -4.44 -7.98
CA PRO D 49 17.25 -5.09 -9.28
C PRO D 49 18.57 -5.01 -10.04
N ARG D 50 18.76 -5.95 -10.95
CA ARG D 50 20.04 -6.06 -11.62
C ARG D 50 19.75 -6.11 -13.10
N LEU D 51 20.43 -5.22 -13.80
CA LEU D 51 20.20 -5.06 -15.21
C LEU D 51 20.62 -6.34 -15.98
N LEU D 52 19.74 -6.82 -16.86
CA LEU D 52 20.00 -7.96 -17.76
C LEU D 52 20.17 -7.55 -19.21
N ILE D 53 19.22 -6.77 -19.68
CA ILE D 53 19.09 -6.38 -21.06
C ILE D 53 18.75 -4.89 -21.10
N TYR D 54 19.35 -4.18 -22.05
CA TYR D 54 18.92 -2.81 -22.32
C TYR D 54 18.74 -2.67 -23.83
N GLN D 55 18.13 -1.56 -24.24
CA GLN D 55 17.83 -1.25 -25.64
C GLN D 55 17.07 -2.37 -26.29
N VAL D 56 16.13 -2.94 -25.54
CA VAL D 56 15.32 -4.02 -26.11
C VAL D 56 16.10 -5.35 -26.14
N SER D 57 17.27 -5.35 -26.79
CA SER D 57 17.93 -6.61 -27.09
C SER D 57 19.43 -6.76 -26.74
N THR D 58 20.05 -5.74 -26.14
CA THR D 58 21.44 -5.88 -25.70
C THR D 58 21.60 -6.45 -24.28
N ARG D 59 22.24 -7.59 -24.22
CA ARG D 59 22.63 -8.19 -22.97
C ARG D 59 23.67 -7.30 -22.26
N PHE D 60 23.38 -6.85 -21.04
CA PHE D 60 24.38 -6.13 -20.25
C PHE D 60 25.56 -7.08 -20.00
N SER D 61 26.72 -6.57 -19.61
CA SER D 61 27.89 -7.42 -19.30
C SER D 61 27.69 -8.26 -18.03
N GLY D 62 28.34 -9.42 -17.98
CA GLY D 62 28.16 -10.38 -16.89
C GLY D 62 26.94 -11.28 -17.04
N VAL D 63 25.93 -10.82 -17.78
CA VAL D 63 24.69 -11.53 -17.94
C VAL D 63 24.88 -12.74 -18.86
N PRO D 64 24.49 -13.94 -18.39
CA PRO D 64 24.76 -15.15 -19.16
C PRO D 64 23.97 -15.12 -20.45
N ASP D 65 24.50 -15.75 -21.48
CA ASP D 65 23.93 -15.70 -22.82
C ASP D 65 22.57 -16.40 -22.99
N ARG D 66 22.08 -17.05 -21.94
CA ARG D 66 20.77 -17.68 -22.05
C ARG D 66 19.61 -16.65 -22.12
N PHE D 67 19.87 -15.42 -21.67
CA PHE D 67 18.88 -14.33 -21.70
C PHE D 67 18.97 -13.54 -22.98
N SER D 68 17.83 -13.25 -23.58
CA SER D 68 17.81 -12.44 -24.80
C SER D 68 16.48 -11.68 -24.91
N GLY D 69 16.54 -10.44 -25.36
CA GLY D 69 15.33 -9.66 -25.59
C GLY D 69 15.08 -9.45 -27.07
N SER D 70 13.83 -9.13 -27.38
CA SER D 70 13.34 -8.87 -28.75
C SER D 70 12.01 -8.11 -28.73
N GLY D 71 11.60 -7.65 -29.91
CA GLY D 71 10.36 -6.91 -30.09
C GLY D 71 10.62 -5.47 -30.51
N SER D 72 9.57 -4.78 -30.90
CA SER D 72 9.72 -3.37 -31.25
C SER D 72 8.38 -2.66 -31.06
N GLY D 73 8.43 -1.34 -31.03
CA GLY D 73 7.22 -0.53 -31.09
C GLY D 73 6.52 -0.51 -29.75
N THR D 74 5.53 -1.40 -29.60
CA THR D 74 4.78 -1.53 -28.35
C THR D 74 4.96 -2.92 -27.71
N ASP D 75 5.80 -3.76 -28.30
CA ASP D 75 5.71 -5.17 -28.02
C ASP D 75 7.04 -5.86 -27.83
N PHE D 76 7.34 -6.24 -26.59
CA PHE D 76 8.67 -6.76 -26.26
C PHE D 76 8.63 -8.09 -25.53
N THR D 77 9.76 -8.80 -25.57
CA THR D 77 9.83 -10.15 -25.02
C THR D 77 11.20 -10.51 -24.49
N LEU D 78 11.26 -10.88 -23.21
CA LEU D 78 12.43 -11.50 -22.60
C LEU D 78 12.35 -13.00 -22.79
N LYS D 79 13.40 -13.58 -23.34
CA LYS D 79 13.49 -15.02 -23.49
C LYS D 79 14.66 -15.57 -22.70
N ILE D 80 14.39 -16.63 -21.95
CA ILE D 80 15.45 -17.48 -21.41
C ILE D 80 15.34 -18.81 -22.14
N SER D 81 16.44 -19.25 -22.74
CA SER D 81 16.41 -20.42 -23.65
C SER D 81 16.40 -21.78 -22.94
N ARG D 82 17.05 -21.84 -21.77
CA ARG D 82 17.10 -23.03 -20.94
C ARG D 82 17.19 -22.54 -19.51
N VAL D 83 16.07 -22.60 -18.81
CA VAL D 83 15.96 -22.07 -17.46
C VAL D 83 16.81 -22.84 -16.44
N GLU D 84 17.39 -22.11 -15.50
CA GLU D 84 18.30 -22.58 -14.46
C GLU D 84 17.76 -22.17 -13.07
N ALA D 85 18.24 -22.81 -12.01
CA ALA D 85 17.78 -22.50 -10.65
C ALA D 85 18.03 -21.05 -10.26
N GLU D 86 19.21 -20.53 -10.62
CA GLU D 86 19.61 -19.15 -10.34
C GLU D 86 18.78 -18.05 -11.04
N ASP D 87 17.94 -18.43 -12.00
CA ASP D 87 17.09 -17.49 -12.71
C ASP D 87 15.85 -17.10 -11.91
N VAL D 88 15.67 -17.66 -10.73
CA VAL D 88 14.44 -17.38 -10.03
C VAL D 88 14.48 -15.99 -9.46
N GLY D 89 13.30 -15.38 -9.39
CA GLY D 89 13.10 -14.07 -8.79
C GLY D 89 12.08 -13.32 -9.64
N VAL D 90 12.05 -11.99 -9.52
CA VAL D 90 11.05 -11.20 -10.22
C VAL D 90 11.65 -10.35 -11.31
N TYR D 91 11.04 -10.44 -12.49
CA TYR D 91 11.50 -9.75 -13.70
C TYR D 91 10.62 -8.53 -13.98
N TYR D 92 11.32 -7.44 -14.31
CA TYR D 92 10.70 -6.16 -14.61
C TYR D 92 11.22 -5.65 -15.92
N CYS D 93 10.27 -5.22 -16.76
CA CYS D 93 10.57 -4.36 -17.91
C CYS D 93 10.44 -2.88 -17.47
N PHE D 94 11.21 -2.01 -18.11
CA PHE D 94 11.34 -0.60 -17.75
C PHE D 94 11.52 0.19 -19.03
N GLN D 95 10.56 1.07 -19.34
CA GLN D 95 10.75 2.02 -20.42
C GLN D 95 11.37 3.27 -19.85
N ALA D 96 12.49 3.69 -20.45
CA ALA D 96 13.22 4.88 -20.04
C ALA D 96 13.38 5.82 -21.24
N SER D 97 12.36 5.84 -22.13
CA SER D 97 12.26 6.83 -23.19
C SER D 97 11.38 8.03 -22.81
N LEU D 98 10.25 7.82 -22.10
CA LEU D 98 9.28 8.91 -21.86
C LEU D 98 8.99 9.18 -20.39
N VAL D 99 8.81 10.46 -20.06
CA VAL D 99 8.45 10.88 -18.72
C VAL D 99 6.96 10.69 -18.59
N PRO D 100 6.48 10.09 -17.50
CA PRO D 100 7.26 9.41 -16.45
C PRO D 100 7.88 8.10 -16.93
N LEU D 101 9.14 7.85 -16.56
CA LEU D 101 9.71 6.50 -16.70
C LEU D 101 8.84 5.46 -15.98
N THR D 102 8.55 4.34 -16.67
CA THR D 102 7.58 3.39 -16.08
C THR D 102 8.03 1.97 -16.16
N PHE D 103 7.70 1.21 -15.09
CA PHE D 103 8.04 -0.20 -14.92
C PHE D 103 6.81 -1.05 -15.14
N GLY D 104 6.99 -2.25 -15.67
CA GLY D 104 5.94 -3.26 -15.73
C GLY D 104 5.75 -3.75 -14.31
N GLN D 105 4.62 -4.37 -14.02
CA GLN D 105 4.23 -4.65 -12.63
C GLN D 105 5.02 -5.83 -12.02
N GLY D 106 5.91 -6.41 -12.84
CA GLY D 106 6.77 -7.54 -12.49
C GLY D 106 6.23 -8.95 -12.65
N THR D 107 7.15 -9.86 -12.97
CA THR D 107 6.86 -11.28 -13.23
C THR D 107 7.72 -12.21 -12.35
N LYS D 108 7.08 -13.02 -11.51
CA LYS D 108 7.77 -13.99 -10.64
C LYS D 108 8.00 -15.35 -11.34
N LEU D 109 9.25 -15.65 -11.63
CA LEU D 109 9.62 -16.94 -12.16
C LEU D 109 9.71 -17.89 -10.98
N GLU D 110 9.06 -19.05 -11.13
CA GLU D 110 9.10 -20.14 -10.15
C GLU D 110 9.73 -21.37 -10.78
N ILE D 111 10.73 -21.93 -10.11
CA ILE D 111 11.30 -23.17 -10.58
C ILE D 111 10.41 -24.38 -10.22
N LYS D 112 10.10 -25.19 -11.22
CA LYS D 112 9.40 -26.47 -11.00
C LYS D 112 10.40 -27.63 -10.80
N ARG D 113 11.12 -27.62 -9.68
CA ARG D 113 11.99 -28.75 -9.29
C ARG D 113 11.15 -29.97 -8.90
N THR D 114 11.80 -31.06 -8.49
CA THR D 114 11.09 -32.26 -8.04
C THR D 114 10.53 -32.05 -6.63
N VAL D 115 9.45 -32.74 -6.27
CA VAL D 115 8.86 -32.54 -4.94
C VAL D 115 9.81 -32.97 -3.82
N ALA D 116 9.84 -32.19 -2.74
CA ALA D 116 10.66 -32.51 -1.58
C ALA D 116 9.87 -32.27 -0.31
N ALA D 117 10.05 -33.17 0.64
CA ALA D 117 9.32 -33.15 1.88
C ALA D 117 10.03 -32.22 2.86
N PRO D 118 9.24 -31.51 3.68
CA PRO D 118 9.86 -30.63 4.66
C PRO D 118 10.45 -31.39 5.83
N SER D 119 11.70 -31.10 6.18
CA SER D 119 12.13 -31.40 7.54
C SER D 119 11.33 -30.53 8.53
N VAL D 120 10.98 -31.07 9.68
CA VAL D 120 10.18 -30.34 10.67
C VAL D 120 10.92 -30.23 12.00
N PHE D 121 11.18 -29.00 12.43
CA PHE D 121 11.82 -28.76 13.70
C PHE D 121 10.87 -27.95 14.60
N ILE D 122 11.06 -28.01 15.92
CA ILE D 122 10.28 -27.21 16.86
C ILE D 122 11.22 -26.72 17.98
N PHE D 123 10.95 -25.52 18.52
CA PHE D 123 11.76 -24.82 19.48
C PHE D 123 10.82 -24.25 20.53
N PRO D 124 11.03 -24.63 21.80
CA PRO D 124 10.22 -24.07 22.87
C PRO D 124 10.72 -22.67 23.14
N PRO D 125 9.93 -21.83 23.81
CA PRO D 125 10.44 -20.52 24.20
C PRO D 125 11.66 -20.67 25.10
N SER D 126 12.55 -19.67 25.11
CA SER D 126 13.75 -19.69 25.95
C SER D 126 13.43 -19.20 27.35
N ASP D 127 14.31 -19.54 28.29
CA ASP D 127 14.18 -19.09 29.67
C ASP D 127 14.12 -17.55 29.69
N GLU D 128 15.02 -16.93 28.91
CA GLU D 128 15.11 -15.47 28.69
C GLU D 128 13.78 -14.79 28.30
N GLN D 129 13.14 -15.23 27.21
CA GLN D 129 11.84 -14.68 26.76
C GLN D 129 10.72 -14.81 27.78
N LEU D 130 10.72 -15.93 28.49
CA LEU D 130 9.71 -16.21 29.50
C LEU D 130 9.93 -15.24 30.65
N LYS D 131 11.20 -15.06 31.02
CA LYS D 131 11.61 -14.14 32.08
C LYS D 131 11.07 -12.72 31.81
N SER D 132 10.62 -12.46 30.58
CA SER D 132 10.05 -11.16 30.24
C SER D 132 8.53 -11.17 30.00
N GLY D 133 7.87 -12.31 30.24
CA GLY D 133 6.40 -12.43 30.20
C GLY D 133 5.74 -12.80 28.85
N THR D 134 6.55 -13.25 27.89
CA THR D 134 6.01 -13.69 26.61
C THR D 134 6.59 -15.04 26.18
N ALA D 135 5.83 -15.75 25.34
CA ALA D 135 6.22 -17.08 24.90
C ALA D 135 5.97 -17.27 23.42
N SER D 136 7.07 -17.60 22.76
CA SER D 136 7.00 -17.86 21.36
C SER D 136 7.49 -19.24 21.13
N VAL D 137 6.62 -20.05 20.55
CA VAL D 137 7.01 -21.40 20.15
C VAL D 137 7.15 -21.40 18.64
N VAL D 138 8.32 -21.81 18.17
CA VAL D 138 8.55 -21.79 16.75
C VAL D 138 8.62 -23.17 16.17
N CYS D 139 7.83 -23.37 15.12
CA CYS D 139 7.97 -24.52 14.26
C CYS D 139 8.65 -24.15 12.93
N LEU D 140 9.60 -24.97 12.50
CA LEU D 140 10.38 -24.72 11.29
C LEU D 140 10.13 -25.84 10.25
N LEU D 141 9.61 -25.48 9.08
CA LEU D 141 9.48 -26.44 7.98
C LEU D 141 10.58 -26.07 7.03
N ASN D 142 11.48 -27.00 6.73
CA ASN D 142 12.65 -26.66 5.99
C ASN D 142 12.80 -27.36 4.66
N ASN D 143 13.21 -26.58 3.66
CA ASN D 143 13.58 -27.13 2.38
C ASN D 143 12.53 -28.00 1.73
N PHE D 144 11.40 -27.41 1.37
CA PHE D 144 10.33 -28.19 0.78
C PHE D 144 9.85 -27.61 -0.52
N TYR D 145 9.15 -28.43 -1.32
CA TYR D 145 8.60 -28.01 -2.59
C TYR D 145 7.50 -28.99 -3.00
N PRO D 146 6.35 -28.50 -3.51
CA PRO D 146 5.96 -27.12 -3.77
C PRO D 146 5.70 -26.31 -2.49
N ARG D 147 5.20 -25.10 -2.70
CA ARG D 147 5.07 -24.07 -1.69
C ARG D 147 4.02 -24.43 -0.64
N GLU D 148 2.95 -25.05 -1.11
CA GLU D 148 1.76 -25.23 -0.32
C GLU D 148 2.00 -26.21 0.84
N ALA D 149 1.65 -25.78 2.04
CA ALA D 149 1.78 -26.58 3.24
C ALA D 149 0.75 -26.17 4.26
N LYS D 150 0.35 -27.13 5.08
CA LYS D 150 -0.57 -26.87 6.18
C LYS D 150 0.14 -27.19 7.49
N VAL D 151 0.24 -26.17 8.32
CA VAL D 151 0.89 -26.29 9.60
C VAL D 151 -0.15 -26.00 10.69
N GLN D 152 -0.45 -26.99 11.54
CA GLN D 152 -1.40 -26.83 12.66
C GLN D 152 -0.78 -26.90 14.08
N TRP D 153 -1.29 -26.07 14.98
CA TRP D 153 -0.85 -26.08 16.36
C TRP D 153 -1.85 -26.77 17.26
N LYS D 154 -1.31 -27.66 18.08
CA LYS D 154 -2.11 -28.26 19.15
C LYS D 154 -1.40 -28.07 20.46
N VAL D 155 -2.16 -27.71 21.47
CA VAL D 155 -1.66 -27.41 22.80
C VAL D 155 -2.52 -28.24 23.71
N ASP D 156 -1.90 -29.17 24.43
CA ASP D 156 -2.65 -30.18 25.19
C ASP D 156 -3.78 -30.79 24.36
N ASN D 157 -3.44 -31.07 23.11
CA ASN D 157 -4.30 -31.73 22.12
C ASN D 157 -5.49 -30.95 21.62
N ALA D 158 -5.49 -29.64 21.89
CA ALA D 158 -6.54 -28.70 21.39
C ALA D 158 -6.00 -27.91 20.20
N LEU D 159 -6.79 -27.82 19.13
CA LEU D 159 -6.39 -27.08 17.91
C LEU D 159 -6.47 -25.57 18.16
N GLN D 160 -5.42 -24.84 17.77
CA GLN D 160 -5.35 -23.38 17.90
C GLN D 160 -5.78 -22.62 16.63
N SER D 161 -6.32 -21.42 16.84
CA SER D 161 -6.63 -20.44 15.78
C SER D 161 -6.29 -19.04 16.27
N GLY D 162 -5.92 -18.15 15.35
CA GLY D 162 -5.84 -16.76 15.70
C GLY D 162 -4.58 -16.42 16.49
N ASN D 163 -3.79 -17.41 16.88
CA ASN D 163 -2.59 -17.06 17.64
C ASN D 163 -1.31 -17.56 17.05
N SER D 164 -1.38 -17.96 15.79
CA SER D 164 -0.13 -18.33 15.06
C SER D 164 0.09 -17.53 13.79
N GLN D 165 1.35 -17.47 13.35
CA GLN D 165 1.68 -16.70 12.19
C GLN D 165 2.83 -17.36 11.45
N GLU D 166 2.68 -17.47 10.14
CA GLU D 166 3.75 -18.00 9.29
C GLU D 166 4.58 -16.95 8.60
N SER D 167 5.80 -17.33 8.23
CA SER D 167 6.60 -16.48 7.43
C SER D 167 7.45 -17.36 6.50
N VAL D 168 7.32 -17.16 5.20
CA VAL D 168 8.00 -17.97 4.21
C VAL D 168 9.16 -17.21 3.60
N THR D 169 10.17 -17.93 3.14
CA THR D 169 11.25 -17.33 2.39
C THR D 169 10.92 -17.44 0.88
N GLU D 170 11.66 -16.73 0.05
CA GLU D 170 11.49 -16.94 -1.37
C GLU D 170 12.26 -18.19 -1.79
N GLN D 171 11.83 -18.79 -2.91
CA GLN D 171 12.47 -19.99 -3.49
C GLN D 171 14.01 -19.86 -3.44
N ASP D 172 14.71 -20.91 -3.00
CA ASP D 172 16.18 -20.87 -2.96
C ASP D 172 16.73 -20.85 -4.39
N SER D 173 17.73 -20.03 -4.68
CA SER D 173 18.28 -20.02 -6.07
C SER D 173 19.43 -21.01 -6.36
N LYS D 174 19.68 -21.91 -5.41
CA LYS D 174 20.61 -23.04 -5.57
C LYS D 174 19.86 -24.39 -5.68
N ASP D 175 18.85 -24.59 -4.83
CA ASP D 175 18.13 -25.86 -4.81
C ASP D 175 16.63 -25.76 -5.03
N SER D 176 16.15 -24.53 -5.19
CA SER D 176 14.74 -24.26 -5.55
C SER D 176 13.70 -24.64 -4.50
N THR D 177 14.11 -24.69 -3.23
CA THR D 177 13.22 -25.05 -2.13
C THR D 177 12.78 -23.82 -1.31
N TYR D 178 11.74 -24.00 -0.50
CA TYR D 178 11.25 -22.98 0.44
C TYR D 178 11.61 -23.36 1.88
N SER D 179 11.31 -22.48 2.83
CA SER D 179 11.35 -22.82 4.25
C SER D 179 10.40 -21.82 4.87
N LEU D 180 9.75 -22.19 5.97
CA LEU D 180 8.66 -21.40 6.56
C LEU D 180 8.73 -21.53 8.07
N SER D 181 8.46 -20.44 8.79
CA SER D 181 8.29 -20.51 10.23
C SER D 181 6.81 -20.33 10.57
N SER D 182 6.33 -21.09 11.55
CA SER D 182 5.04 -20.84 12.16
C SER D 182 5.31 -20.55 13.61
N THR D 183 4.90 -19.39 14.06
CA THR D 183 5.33 -19.01 15.40
C THR D 183 4.06 -18.89 16.23
N LEU D 184 4.03 -19.61 17.34
CA LEU D 184 2.87 -19.57 18.24
C LEU D 184 3.16 -18.61 19.36
N THR D 185 2.21 -17.72 19.61
CA THR D 185 2.43 -16.54 20.39
C THR D 185 1.41 -16.58 21.51
N LEU D 186 1.93 -16.58 22.74
CA LEU D 186 1.09 -16.59 23.93
C LEU D 186 1.72 -15.78 25.01
N SER D 187 0.92 -15.44 26.01
CA SER D 187 1.44 -14.89 27.26
C SER D 187 2.13 -15.98 28.05
N LYS D 188 3.10 -15.59 28.88
CA LYS D 188 3.74 -16.51 29.80
C LYS D 188 2.69 -17.23 30.64
N ALA D 189 1.67 -16.49 31.10
CA ALA D 189 0.59 -17.08 31.92
C ALA D 189 -0.09 -18.24 31.18
N ASP D 190 -0.42 -18.03 29.90
CA ASP D 190 -1.12 -19.01 29.07
C ASP D 190 -0.21 -20.18 28.80
N TYR D 191 1.04 -19.88 28.46
CA TYR D 191 2.02 -20.91 28.15
C TYR D 191 2.20 -21.89 29.27
N GLU D 192 2.08 -21.39 30.49
CA GLU D 192 2.29 -22.25 31.63
C GLU D 192 1.03 -22.97 32.12
N LYS D 193 -0.11 -22.72 31.47
CA LYS D 193 -1.35 -23.47 31.75
C LYS D 193 -1.36 -24.79 30.97
N HIS D 194 -0.29 -25.10 30.27
CA HIS D 194 -0.31 -26.22 29.35
C HIS D 194 0.99 -27.03 29.28
N LYS D 195 0.89 -28.31 28.93
CA LYS D 195 2.09 -29.15 28.88
C LYS D 195 2.61 -29.48 27.45
N VAL D 196 1.71 -29.91 26.58
CA VAL D 196 2.10 -30.47 25.30
C VAL D 196 1.91 -29.48 24.18
N TYR D 197 3.04 -29.14 23.54
CA TYR D 197 3.07 -28.24 22.43
C TYR D 197 3.48 -28.97 21.18
N ALA D 198 2.56 -28.98 20.21
CA ALA D 198 2.71 -29.80 19.02
C ALA D 198 2.41 -29.04 17.72
N CYS D 199 3.29 -29.28 16.76
CA CYS D 199 3.23 -28.68 15.47
C CYS D 199 2.91 -29.81 14.46
N GLU D 200 1.81 -29.69 13.72
CA GLU D 200 1.41 -30.74 12.77
C GLU D 200 1.48 -30.27 11.33
N VAL D 201 2.32 -30.94 10.54
CA VAL D 201 2.69 -30.50 9.22
C VAL D 201 2.13 -31.48 8.20
N THR D 202 1.31 -30.99 7.29
CA THR D 202 0.88 -31.78 6.14
C THR D 202 1.50 -31.15 4.90
N HIS D 203 1.99 -31.98 3.98
CA HIS D 203 2.65 -31.53 2.75
C HIS D 203 2.52 -32.62 1.69
N GLN D 204 2.23 -32.22 0.46
CA GLN D 204 2.06 -33.15 -0.66
C GLN D 204 3.13 -34.26 -0.73
N GLY D 205 4.34 -33.95 -0.24
CA GLY D 205 5.47 -34.91 -0.18
C GLY D 205 5.64 -35.79 1.05
N LEU D 206 4.76 -35.63 2.03
CA LEU D 206 4.73 -36.55 3.16
C LEU D 206 3.52 -37.45 2.94
N SER D 207 3.67 -38.74 3.22
CA SER D 207 2.56 -39.67 2.96
C SER D 207 1.45 -39.49 3.99
N SER D 208 1.81 -38.88 5.11
CA SER D 208 0.85 -38.48 6.15
C SER D 208 1.54 -37.44 7.05
N PRO D 209 0.75 -36.59 7.77
CA PRO D 209 1.21 -35.60 8.76
C PRO D 209 2.33 -36.03 9.71
N VAL D 210 3.42 -35.26 9.73
CA VAL D 210 4.42 -35.40 10.77
C VAL D 210 4.14 -34.41 11.89
N THR D 211 4.02 -34.91 13.11
CA THR D 211 3.92 -34.05 14.25
C THR D 211 5.29 -33.93 14.93
N LYS D 212 5.60 -32.73 15.43
CA LYS D 212 6.71 -32.57 16.34
C LYS D 212 6.20 -31.86 17.59
N SER D 213 6.60 -32.37 18.76
CA SER D 213 6.02 -31.91 20.01
C SER D 213 7.08 -31.81 21.07
N PHE D 214 6.70 -31.27 22.23
CA PHE D 214 7.61 -31.29 23.40
C PHE D 214 6.74 -31.01 24.60
N ASN D 215 7.28 -31.24 25.79
CA ASN D 215 6.59 -31.01 27.05
C ASN D 215 7.27 -29.86 27.76
N ARG D 216 6.45 -28.88 28.10
CA ARG D 216 6.94 -27.66 28.76
C ARG D 216 7.84 -28.03 29.93
N GLY D 217 8.96 -27.34 30.10
CA GLY D 217 9.85 -27.53 31.27
C GLY D 217 10.60 -28.85 31.42
N GLU D 218 10.33 -29.79 30.50
CA GLU D 218 10.90 -31.13 30.52
C GLU D 218 11.93 -31.32 29.41
N CYS D 219 12.92 -32.17 29.68
CA CYS D 219 13.96 -32.51 28.71
C CYS D 219 13.40 -33.62 27.87
N ALA D 220 13.55 -33.55 26.55
CA ALA D 220 13.16 -34.67 25.69
C ALA D 220 13.94 -35.97 26.00
N ALA D 221 13.27 -37.10 25.80
CA ALA D 221 13.80 -38.41 26.18
C ALA D 221 15.08 -38.74 25.40
N ALA D 222 15.05 -38.51 24.08
CA ALA D 222 16.23 -38.68 23.23
C ALA D 222 17.43 -37.80 23.63
N ASP D 223 17.18 -36.80 24.49
CA ASP D 223 18.23 -35.89 24.92
C ASP D 223 18.74 -36.22 26.33
N TYR D 224 18.54 -37.46 26.75
CA TYR D 224 19.14 -38.00 27.94
C TYR D 224 20.62 -37.59 28.12
N LYS D 225 20.94 -37.17 29.34
CA LYS D 225 22.33 -37.00 29.76
C LYS D 225 22.38 -37.54 31.15
N ASP D 226 23.52 -38.10 31.57
CA ASP D 226 23.66 -38.53 32.94
C ASP D 226 23.74 -37.34 33.89
N ASP D 227 23.34 -37.54 35.13
CA ASP D 227 23.48 -36.52 36.18
C ASP D 227 24.92 -36.28 36.65
N ASP D 228 25.20 -35.06 37.05
CA ASP D 228 26.55 -34.69 37.50
C ASP D 228 26.65 -34.68 39.01
#